data_5XZ5
#
_entry.id   5XZ5
#
_cell.length_a   77.253
_cell.length_b   88.651
_cell.length_c   123.416
_cell.angle_alpha   90.00
_cell.angle_beta   90.00
_cell.angle_gamma   90.00
#
_symmetry.space_group_name_H-M   'P 21 21 2'
#
loop_
_entity.id
_entity.type
_entity.pdbx_description
1 polymer 'Acetyl-CoA acetyltransferase'
2 water water
#
_entity_poly.entity_id   1
_entity_poly.type   'polypeptide(L)'
_entity_poly.pdbx_seq_one_letter_code
;MGHHHHHHGSHMSQNVYIVSTARTPIGSFQGSLSSKTAVELGAVALKGALAKVPELDASKDFDEIIFGNVLSANLGQAPA
RQVALAAGLSNHIVASTVNKVCASAMKAIILGAQSIKCGNADVVVAGGCESMTNAPYYMPAARAGAKFGQTVLVDGVERD
GLNDAYDGLAMGVHAEKCARDWDITREQQDNFAIESYQKSQKSQKEGKFDNEIVPVTIKGFRGKPDTQVTKDEEPARLHV
EKLRSARTVFQKENGTVTAANASPINDGAAAVILVSEKVLKEKNLKPLAIIKGWGEAAHQPADFTWAPSLAVPKALKHAG
IEDINSVDYFEFNEAFSVVGLVNTKILKLDPSKVNVYGGAVALGHPLGCSGARVVVTLLSILQQEGGKIGVAAICNGGGG
ASSIVIEKI
;
_entity_poly.pdbx_strand_id   A,B
#
# COMPACT_ATOMS: atom_id res chain seq x y z
N SER A 13 39.38 -32.78 9.77
CA SER A 13 39.82 -34.05 10.43
C SER A 13 38.96 -35.32 10.23
N GLN A 14 37.91 -35.23 9.40
CA GLN A 14 36.88 -36.27 9.25
C GLN A 14 35.87 -35.83 8.18
N ASN A 15 35.25 -36.79 7.50
CA ASN A 15 34.38 -36.50 6.35
C ASN A 15 33.02 -35.89 6.75
N VAL A 16 32.54 -34.94 5.96
CA VAL A 16 31.23 -34.32 6.16
C VAL A 16 30.38 -34.60 4.92
N TYR A 17 29.21 -35.19 5.14
CA TYR A 17 28.31 -35.59 4.05
C TYR A 17 27.04 -34.75 4.06
N ILE A 18 26.60 -34.35 2.86
CA ILE A 18 25.25 -33.84 2.66
C ILE A 18 24.33 -35.06 2.51
N VAL A 19 23.33 -35.17 3.39
CA VAL A 19 22.32 -36.24 3.32
C VAL A 19 20.93 -35.80 2.81
N SER A 20 20.66 -34.50 2.84
CA SER A 20 19.39 -33.99 2.34
C SER A 20 19.47 -32.50 2.03
N THR A 21 18.73 -32.09 1.00
CA THR A 21 18.60 -30.69 0.63
C THR A 21 17.18 -30.39 0.20
N ALA A 22 16.79 -29.14 0.39
CA ALA A 22 15.52 -28.64 -0.12
C ALA A 22 15.54 -27.11 -0.14
N ARG A 23 14.67 -26.54 -0.95
CA ARG A 23 14.48 -25.10 -0.99
C ARG A 23 13.06 -24.77 -1.37
N THR A 24 12.64 -23.55 -1.01
CA THR A 24 11.35 -23.03 -1.45
C THR A 24 11.51 -22.55 -2.88
N PRO A 25 10.38 -22.30 -3.57
CA PRO A 25 10.47 -21.46 -4.74
C PRO A 25 10.94 -20.07 -4.34
N ILE A 26 11.54 -19.36 -5.28
CA ILE A 26 11.98 -17.99 -5.07
C ILE A 26 10.87 -17.05 -5.55
N GLY A 27 10.35 -16.26 -4.62
CA GLY A 27 9.30 -15.28 -4.91
C GLY A 27 9.86 -13.95 -5.40
N SER A 28 9.07 -13.26 -6.22
CA SER A 28 9.40 -11.91 -6.66
C SER A 28 9.07 -10.90 -5.57
N PHE A 29 9.69 -9.73 -5.67
CA PHE A 29 9.49 -8.63 -4.74
C PHE A 29 8.03 -8.22 -4.75
N GLN A 30 7.42 -8.23 -3.56
CA GLN A 30 5.98 -8.00 -3.36
C GLN A 30 5.13 -9.01 -4.13
N GLY A 31 5.66 -10.22 -4.30
CA GLY A 31 5.06 -11.24 -5.16
C GLY A 31 4.40 -12.38 -4.40
N SER A 32 4.63 -13.59 -4.89
CA SER A 32 3.85 -14.77 -4.49
C SER A 32 4.06 -15.22 -3.04
N LEU A 33 5.20 -14.87 -2.45
CA LEU A 33 5.49 -15.20 -1.04
C LEU A 33 5.37 -14.01 -0.07
N SER A 34 4.75 -12.92 -0.51
CA SER A 34 4.58 -11.70 0.31
C SER A 34 3.93 -11.93 1.67
N SER A 35 3.02 -12.90 1.75
CA SER A 35 2.32 -13.23 2.99
C SER A 35 3.13 -14.06 4.00
N LYS A 36 4.30 -14.55 3.60
CA LYS A 36 5.18 -15.35 4.46
C LYS A 36 6.35 -14.54 5.02
N THR A 37 6.70 -14.81 6.28
CA THR A 37 7.89 -14.23 6.88
C THR A 37 9.10 -15.08 6.50
N ALA A 38 10.29 -14.50 6.68
CA ALA A 38 11.55 -15.19 6.44
C ALA A 38 11.66 -16.48 7.25
N VAL A 39 11.22 -16.42 8.51
CA VAL A 39 11.24 -17.57 9.41
C VAL A 39 10.30 -18.69 8.91
N GLU A 40 9.10 -18.31 8.49
CA GLU A 40 8.15 -19.26 7.94
C GLU A 40 8.68 -19.96 6.69
N LEU A 41 9.33 -19.20 5.80
CA LEU A 41 9.97 -19.78 4.62
C LEU A 41 11.10 -20.74 5.01
N GLY A 42 11.90 -20.34 6.01
CA GLY A 42 12.95 -21.20 6.56
C GLY A 42 12.43 -22.54 7.04
N ALA A 43 11.33 -22.50 7.79
CA ALA A 43 10.69 -23.71 8.31
C ALA A 43 10.20 -24.64 7.20
N VAL A 44 9.61 -24.05 6.16
CA VAL A 44 9.14 -24.83 5.01
C VAL A 44 10.30 -25.59 4.36
N ALA A 45 11.37 -24.87 4.04
CA ALA A 45 12.55 -25.48 3.43
C ALA A 45 13.14 -26.58 4.31
N LEU A 46 13.25 -26.29 5.60
CA LEU A 46 13.85 -27.25 6.54
C LEU A 46 12.98 -28.50 6.72
N LYS A 47 11.68 -28.31 6.89
CA LYS A 47 10.73 -29.45 6.92
C LYS A 47 10.79 -30.29 5.65
N GLY A 48 10.97 -29.63 4.51
CA GLY A 48 11.16 -30.32 3.23
C GLY A 48 12.39 -31.22 3.23
N ALA A 49 13.46 -30.75 3.85
CA ALA A 49 14.72 -31.48 3.95
C ALA A 49 14.67 -32.62 4.96
N LEU A 50 14.07 -32.37 6.12
CA LEU A 50 13.86 -33.39 7.17
C LEU A 50 13.05 -34.60 6.70
N ALA A 51 12.05 -34.34 5.86
CA ALA A 51 11.15 -35.39 5.36
C ALA A 51 11.87 -36.47 4.55
N LYS A 52 12.94 -36.08 3.86
CA LYS A 52 13.74 -37.00 3.04
C LYS A 52 14.66 -37.92 3.84
N VAL A 53 14.94 -37.56 5.09
CA VAL A 53 15.78 -38.39 5.98
C VAL A 53 15.07 -38.74 7.30
N PRO A 54 14.01 -39.58 7.23
CA PRO A 54 13.30 -40.02 8.46
C PRO A 54 14.13 -40.87 9.43
N GLU A 55 15.25 -41.42 8.96
CA GLU A 55 16.20 -42.13 9.82
C GLU A 55 16.77 -41.22 10.93
N LEU A 56 16.87 -39.92 10.64
CA LEU A 56 17.21 -38.92 11.64
C LEU A 56 15.94 -38.46 12.34
N ASP A 57 15.88 -38.68 13.65
CA ASP A 57 14.74 -38.30 14.45
C ASP A 57 14.86 -36.84 14.89
N ALA A 58 13.81 -36.09 14.61
CA ALA A 58 13.73 -34.66 14.94
C ALA A 58 13.86 -34.40 16.43
N SER A 59 13.29 -35.29 17.24
CA SER A 59 13.32 -35.13 18.68
C SER A 59 14.67 -35.41 19.36
N LYS A 60 15.60 -36.10 18.69
CA LYS A 60 16.90 -36.43 19.33
C LYS A 60 18.17 -36.17 18.50
N ASP A 61 18.11 -36.38 17.19
CA ASP A 61 19.36 -36.45 16.40
C ASP A 61 20.06 -35.16 15.94
N PHE A 62 19.40 -34.01 16.00
CA PHE A 62 20.02 -32.79 15.46
C PHE A 62 20.69 -31.93 16.52
N ASP A 63 22.01 -31.84 16.44
CA ASP A 63 22.81 -31.13 17.43
C ASP A 63 22.81 -29.60 17.27
N GLU A 64 22.84 -29.12 16.04
CA GLU A 64 23.06 -27.70 15.78
C GLU A 64 22.36 -27.22 14.50
N ILE A 65 21.92 -25.96 14.52
CA ILE A 65 21.45 -25.25 13.34
C ILE A 65 22.24 -23.94 13.20
N ILE A 66 22.80 -23.72 12.02
CA ILE A 66 23.43 -22.46 11.66
C ILE A 66 22.68 -21.99 10.42
N PHE A 67 22.03 -20.84 10.50
CA PHE A 67 21.15 -20.39 9.42
C PHE A 67 21.51 -18.97 8.98
N GLY A 68 21.59 -18.76 7.67
CA GLY A 68 21.84 -17.45 7.08
C GLY A 68 20.62 -16.55 7.08
N ASN A 69 20.85 -15.27 7.39
CA ASN A 69 19.81 -14.22 7.26
C ASN A 69 20.50 -12.85 7.32
N VAL A 70 20.10 -11.96 6.42
CA VAL A 70 20.70 -10.63 6.33
C VAL A 70 19.81 -9.58 6.98
N LEU A 71 18.54 -9.53 6.54
CA LEU A 71 17.57 -8.55 7.05
C LEU A 71 16.77 -9.17 8.20
N SER A 72 17.34 -9.09 9.39
CA SER A 72 16.75 -9.68 10.60
C SER A 72 15.72 -8.79 11.31
N ALA A 73 15.61 -7.52 10.90
CA ALA A 73 14.68 -6.58 11.53
C ALA A 73 13.24 -7.08 11.50
N ASN A 74 12.63 -7.08 12.68
CA ASN A 74 11.24 -7.51 12.91
C ASN A 74 10.97 -9.01 12.74
N LEU A 75 12.02 -9.83 12.68
CA LEU A 75 11.86 -11.29 12.62
C LEU A 75 11.61 -11.91 13.99
N GLY A 76 11.88 -11.16 15.05
CA GLY A 76 11.81 -11.66 16.41
C GLY A 76 13.16 -12.20 16.86
N GLN A 77 13.25 -12.52 18.14
CA GLN A 77 14.46 -13.10 18.73
C GLN A 77 14.95 -14.37 18.02
N ALA A 78 16.19 -14.34 17.55
CA ALA A 78 16.91 -15.53 17.07
C ALA A 78 16.21 -16.26 15.92
N PRO A 79 16.30 -15.71 14.69
CA PRO A 79 15.64 -16.33 13.53
C PRO A 79 15.95 -17.83 13.34
N ALA A 80 17.21 -18.22 13.39
CA ALA A 80 17.61 -19.64 13.24
C ALA A 80 16.95 -20.57 14.27
N ARG A 81 16.93 -20.13 15.52
CA ARG A 81 16.20 -20.82 16.60
C ARG A 81 14.72 -21.02 16.26
N GLN A 82 14.05 -19.95 15.86
CA GLN A 82 12.63 -20.02 15.43
C GLN A 82 12.40 -20.99 14.28
N VAL A 83 13.30 -20.96 13.29
CA VAL A 83 13.20 -21.85 12.14
C VAL A 83 13.24 -23.32 12.59
N ALA A 84 14.20 -23.65 13.45
CA ALA A 84 14.36 -25.00 13.99
C ALA A 84 13.12 -25.45 14.75
N LEU A 85 12.67 -24.63 15.69
CA LEU A 85 11.48 -24.95 16.49
C LEU A 85 10.18 -25.02 15.69
N ALA A 86 10.02 -24.14 14.70
CA ALA A 86 8.84 -24.18 13.81
C ALA A 86 8.84 -25.43 12.91
N ALA A 87 10.02 -25.92 12.54
CA ALA A 87 10.16 -27.12 11.75
C ALA A 87 9.98 -28.43 12.54
N GLY A 88 9.81 -28.32 13.86
CA GLY A 88 9.54 -29.46 14.72
C GLY A 88 10.78 -30.10 15.35
N LEU A 89 11.93 -29.43 15.23
CA LEU A 89 13.17 -29.89 15.88
C LEU A 89 13.13 -29.66 17.39
N SER A 90 13.84 -30.51 18.11
CA SER A 90 13.94 -30.47 19.56
C SER A 90 14.55 -29.15 20.02
N ASN A 91 14.02 -28.60 21.11
CA ASN A 91 14.57 -27.35 21.69
C ASN A 91 15.92 -27.52 22.39
N HIS A 92 16.50 -28.72 22.35
CA HIS A 92 17.89 -28.95 22.72
C HIS A 92 18.90 -28.51 21.65
N ILE A 93 18.43 -28.22 20.43
CA ILE A 93 19.32 -27.82 19.35
C ILE A 93 20.05 -26.50 19.68
N VAL A 94 21.33 -26.46 19.32
CA VAL A 94 22.14 -25.24 19.45
C VAL A 94 21.94 -24.41 18.19
N ALA A 95 21.38 -23.21 18.35
CA ALA A 95 21.00 -22.36 17.21
C ALA A 95 21.81 -21.07 17.14
N SER A 96 22.21 -20.70 15.94
CA SER A 96 22.82 -19.39 15.69
C SER A 96 22.50 -18.91 14.28
N THR A 97 22.36 -17.59 14.15
CA THR A 97 22.09 -16.94 12.88
C THR A 97 23.38 -16.26 12.40
N VAL A 98 23.69 -16.40 11.12
CA VAL A 98 24.92 -15.82 10.56
C VAL A 98 24.60 -14.90 9.38
N ASN A 99 25.34 -13.80 9.30
CA ASN A 99 25.19 -12.82 8.24
C ASN A 99 26.54 -12.58 7.57
N LYS A 100 26.61 -12.92 6.29
CA LYS A 100 27.73 -12.58 5.43
C LYS A 100 27.16 -12.00 4.15
N VAL A 101 26.15 -11.14 4.32
CA VAL A 101 25.35 -10.59 3.23
C VAL A 101 24.92 -11.74 2.29
N CYS A 102 25.24 -11.63 1.00
CA CYS A 102 24.85 -12.62 0.01
C CYS A 102 25.38 -14.03 0.27
N ALA A 103 26.53 -14.13 0.93
CA ALA A 103 27.18 -15.42 1.21
C ALA A 103 26.72 -16.07 2.50
N SER A 104 25.76 -15.47 3.21
CA SER A 104 25.34 -15.93 4.53
C SER A 104 25.08 -17.43 4.63
N ALA A 105 24.24 -17.92 3.73
CA ALA A 105 23.85 -19.32 3.74
C ALA A 105 25.00 -20.28 3.37
N MET A 106 25.96 -19.79 2.58
CA MET A 106 27.14 -20.59 2.28
C MET A 106 28.05 -20.66 3.49
N LYS A 107 28.24 -19.52 4.14
CA LYS A 107 29.00 -19.44 5.37
C LYS A 107 28.42 -20.37 6.45
N ALA A 108 27.10 -20.46 6.52
CA ALA A 108 26.43 -21.37 7.45
C ALA A 108 26.83 -22.83 7.23
N ILE A 109 26.88 -23.24 5.96
CA ILE A 109 27.30 -24.59 5.57
C ILE A 109 28.75 -24.86 5.97
N ILE A 110 29.64 -23.90 5.68
CA ILE A 110 31.05 -23.97 6.04
C ILE A 110 31.24 -24.08 7.56
N LEU A 111 30.54 -23.23 8.32
CA LEU A 111 30.59 -23.27 9.79
C LEU A 111 30.03 -24.59 10.34
N GLY A 112 29.00 -25.13 9.69
CA GLY A 112 28.45 -26.44 10.03
C GLY A 112 29.45 -27.57 9.80
N ALA A 113 30.13 -27.51 8.66
CA ALA A 113 31.15 -28.49 8.30
C ALA A 113 32.33 -28.48 9.28
N GLN A 114 32.83 -27.28 9.59
CA GLN A 114 33.86 -27.08 10.63
C GLN A 114 33.46 -27.67 11.98
N SER A 115 32.19 -27.47 12.35
CA SER A 115 31.64 -27.98 13.61
C SER A 115 31.66 -29.51 13.66
N ILE A 116 31.33 -30.14 12.53
CA ILE A 116 31.39 -31.61 12.40
C ILE A 116 32.84 -32.11 12.42
N LYS A 117 33.73 -31.46 11.67
CA LYS A 117 35.16 -31.82 11.63
C LYS A 117 35.87 -31.74 12.99
N CYS A 118 35.45 -30.79 13.82
CA CYS A 118 35.96 -30.63 15.20
C CYS A 118 35.39 -31.62 16.23
N GLY A 119 34.42 -32.44 15.83
CA GLY A 119 33.78 -33.40 16.74
C GLY A 119 32.80 -32.79 17.74
N ASN A 120 32.39 -31.54 17.51
CA ASN A 120 31.49 -30.81 18.41
C ASN A 120 30.03 -30.99 18.05
N ALA A 121 29.78 -31.51 16.86
CA ALA A 121 28.45 -31.91 16.43
C ALA A 121 28.56 -33.08 15.46
N ASP A 122 27.51 -33.89 15.41
CA ASP A 122 27.42 -35.01 14.49
C ASP A 122 26.39 -34.79 13.38
N VAL A 123 25.34 -34.00 13.66
CA VAL A 123 24.31 -33.66 12.69
C VAL A 123 24.04 -32.15 12.75
N VAL A 124 24.21 -31.46 11.63
CA VAL A 124 24.03 -30.01 11.56
C VAL A 124 23.06 -29.65 10.44
N VAL A 125 22.09 -28.78 10.77
CA VAL A 125 21.24 -28.13 9.78
C VAL A 125 21.92 -26.83 9.39
N ALA A 126 22.13 -26.64 8.10
CA ALA A 126 22.62 -25.36 7.57
C ALA A 126 21.72 -24.92 6.43
N GLY A 127 21.82 -23.64 6.12
CA GLY A 127 21.03 -23.06 5.05
C GLY A 127 20.78 -21.61 5.35
N GLY A 128 19.66 -21.09 4.85
CA GLY A 128 19.32 -19.70 5.08
C GLY A 128 17.95 -19.34 4.58
N CYS A 129 17.52 -18.13 4.94
CA CYS A 129 16.19 -17.63 4.58
C CYS A 129 16.19 -16.11 4.49
N GLU A 130 15.25 -15.60 3.71
CA GLU A 130 15.12 -14.16 3.52
C GLU A 130 13.75 -13.81 2.95
N SER A 131 13.15 -12.76 3.51
CA SER A 131 12.00 -12.10 2.92
C SER A 131 12.35 -10.61 2.79
N MET A 132 12.83 -10.25 1.60
CA MET A 132 13.16 -8.87 1.29
C MET A 132 11.89 -8.03 1.16
N THR A 133 10.79 -8.66 0.75
CA THR A 133 9.45 -8.04 0.74
C THR A 133 9.06 -7.49 2.11
N ASN A 134 9.20 -8.32 3.14
CA ASN A 134 8.77 -7.98 4.50
C ASN A 134 9.85 -7.40 5.40
N ALA A 135 11.02 -7.08 4.84
CA ALA A 135 11.98 -6.23 5.54
C ALA A 135 11.32 -4.87 5.76
N PRO A 136 11.34 -4.37 7.02
CA PRO A 136 10.64 -3.13 7.30
C PRO A 136 11.42 -1.87 6.94
N TYR A 137 10.70 -0.75 6.98
CA TYR A 137 11.31 0.56 7.03
C TYR A 137 11.72 0.86 8.46
N TYR A 138 12.80 1.61 8.61
CA TYR A 138 13.32 2.06 9.91
C TYR A 138 13.08 3.53 10.10
N MET A 139 12.88 3.92 11.35
CA MET A 139 12.89 5.34 11.72
C MET A 139 14.01 5.58 12.74
N PRO A 140 15.20 6.00 12.27
CA PRO A 140 16.30 6.26 13.21
C PRO A 140 16.03 7.35 14.25
N ALA A 141 15.24 8.37 13.87
CA ALA A 141 14.93 9.49 14.75
C ALA A 141 13.81 9.23 15.76
N ALA A 142 13.09 8.12 15.64
CA ALA A 142 11.92 7.86 16.47
C ALA A 142 12.19 7.84 17.97
N ARG A 143 13.29 7.22 18.38
CA ARG A 143 13.56 7.03 19.80
C ARG A 143 13.84 8.34 20.55
N ALA A 144 14.81 9.09 20.05
CA ALA A 144 15.25 10.34 20.67
C ALA A 144 14.41 11.55 20.24
N GLY A 145 13.70 11.42 19.12
CA GLY A 145 12.84 12.48 18.60
C GLY A 145 13.49 13.22 17.44
N ALA A 146 12.65 13.71 16.53
CA ALA A 146 13.11 14.50 15.38
C ALA A 146 13.27 15.99 15.70
N LYS A 147 12.56 16.47 16.72
CA LYS A 147 12.68 17.84 17.26
C LYS A 147 12.06 18.91 16.35
N PHE A 148 12.66 19.09 15.18
CA PHE A 148 12.18 20.05 14.20
C PHE A 148 12.74 19.73 12.82
N GLY A 149 11.91 19.88 11.81
CA GLY A 149 12.32 19.67 10.44
C GLY A 149 12.11 18.22 10.03
N GLN A 150 12.15 17.99 8.73
CA GLN A 150 11.86 16.67 8.19
C GLN A 150 12.92 15.66 8.61
N THR A 151 12.50 14.41 8.70
CA THR A 151 13.40 13.30 8.95
C THR A 151 13.08 12.18 7.96
N VAL A 152 14.03 11.27 7.80
CA VAL A 152 14.00 10.25 6.75
C VAL A 152 13.59 8.89 7.32
N LEU A 153 12.71 8.21 6.61
CA LEU A 153 12.39 6.81 6.86
C LEU A 153 13.20 5.94 5.90
N VAL A 154 14.05 5.09 6.48
CA VAL A 154 15.03 4.31 5.73
C VAL A 154 14.43 2.97 5.32
N ASP A 155 14.64 2.59 4.06
CA ASP A 155 14.26 1.28 3.56
C ASP A 155 15.35 0.28 3.97
N GLY A 156 14.99 -0.65 4.85
CA GLY A 156 15.91 -1.67 5.35
C GLY A 156 16.57 -2.54 4.29
N VAL A 157 15.85 -2.81 3.19
CA VAL A 157 16.40 -3.54 2.04
C VAL A 157 17.63 -2.84 1.45
N GLU A 158 17.51 -1.52 1.25
CA GLU A 158 18.61 -0.72 0.74
C GLU A 158 19.76 -0.62 1.73
N ARG A 159 19.44 -0.17 2.93
CA ARG A 159 20.44 0.20 3.93
C ARG A 159 21.29 -0.98 4.40
N ASP A 160 20.64 -2.10 4.69
CA ASP A 160 21.33 -3.28 5.24
C ASP A 160 21.58 -4.39 4.23
N GLY A 161 20.90 -4.36 3.09
CA GLY A 161 20.99 -5.41 2.08
C GLY A 161 21.72 -5.00 0.82
N LEU A 162 21.18 -4.02 0.11
CA LEU A 162 21.61 -3.69 -1.26
C LEU A 162 22.72 -2.64 -1.39
N ASN A 163 22.82 -1.71 -0.44
CA ASN A 163 23.80 -0.63 -0.54
C ASN A 163 25.09 -0.94 0.20
N ASP A 164 26.19 -0.52 -0.41
CA ASP A 164 27.51 -0.66 0.16
C ASP A 164 27.60 0.26 1.37
N ALA A 165 28.26 -0.20 2.42
CA ALA A 165 28.34 0.53 3.67
C ALA A 165 29.27 1.75 3.61
N TYR A 166 30.19 1.75 2.65
CA TYR A 166 31.29 2.74 2.59
C TYR A 166 30.96 3.91 1.67
N ASP A 167 30.42 3.63 0.49
CA ASP A 167 30.01 4.70 -0.46
C ASP A 167 28.49 4.86 -0.66
N GLY A 168 27.68 3.95 -0.09
CA GLY A 168 26.22 4.04 -0.17
C GLY A 168 25.58 3.67 -1.51
N LEU A 169 26.38 3.15 -2.44
CA LEU A 169 25.93 2.82 -3.78
C LEU A 169 25.40 1.40 -3.83
N ALA A 170 24.37 1.20 -4.64
CA ALA A 170 23.73 -0.11 -4.81
C ALA A 170 24.68 -1.11 -5.44
N MET A 171 24.48 -2.38 -5.15
CA MET A 171 25.32 -3.46 -5.69
C MET A 171 25.37 -3.46 -7.23
N GLY A 172 24.23 -3.17 -7.86
CA GLY A 172 24.12 -3.02 -9.31
C GLY A 172 25.01 -1.94 -9.91
N VAL A 173 25.18 -0.85 -9.18
CA VAL A 173 26.09 0.23 -9.57
C VAL A 173 27.55 -0.29 -9.58
N HIS A 174 27.92 -1.05 -8.55
CA HIS A 174 29.25 -1.66 -8.49
C HIS A 174 29.47 -2.74 -9.54
N ALA A 175 28.40 -3.46 -9.89
CA ALA A 175 28.45 -4.41 -11.01
C ALA A 175 28.77 -3.73 -12.36
N GLU A 176 28.21 -2.54 -12.57
CA GLU A 176 28.53 -1.72 -13.74
C GLU A 176 29.98 -1.24 -13.76
N LYS A 177 30.46 -0.72 -12.63
CA LYS A 177 31.89 -0.37 -12.47
C LYS A 177 32.80 -1.53 -12.85
N CYS A 178 32.51 -2.71 -12.29
CA CYS A 178 33.25 -3.93 -12.60
C CYS A 178 33.27 -4.25 -14.10
N ALA A 179 32.14 -4.07 -14.77
CA ALA A 179 32.06 -4.29 -16.22
C ALA A 179 33.00 -3.34 -16.98
N ARG A 180 33.02 -2.07 -16.59
CA ARG A 180 33.94 -1.08 -17.15
C ARG A 180 35.39 -1.45 -16.89
N ASP A 181 35.66 -1.89 -15.67
CA ASP A 181 37.01 -2.21 -15.27
C ASP A 181 37.61 -3.38 -16.05
N TRP A 182 36.77 -4.34 -16.44
CA TRP A 182 37.19 -5.54 -17.18
C TRP A 182 36.81 -5.50 -18.66
N ASP A 183 36.43 -4.31 -19.14
CA ASP A 183 36.09 -4.04 -20.54
C ASP A 183 35.03 -4.99 -21.08
N ILE A 184 33.96 -5.11 -20.31
CA ILE A 184 32.79 -5.89 -20.67
C ILE A 184 31.68 -4.89 -20.96
N THR A 185 31.11 -4.99 -22.15
CA THR A 185 30.18 -3.99 -22.64
C THR A 185 28.78 -4.22 -22.07
N ARG A 186 27.97 -3.19 -22.19
CA ARG A 186 26.56 -3.23 -21.81
C ARG A 186 25.81 -4.32 -22.57
N GLU A 187 26.14 -4.41 -23.86
CA GLU A 187 25.48 -5.35 -24.76
C GLU A 187 25.82 -6.78 -24.38
N GLN A 188 27.09 -7.04 -24.05
CA GLN A 188 27.54 -8.35 -23.56
C GLN A 188 26.81 -8.79 -22.29
N GLN A 189 26.62 -7.83 -21.37
CA GLN A 189 25.90 -8.09 -20.12
C GLN A 189 24.43 -8.40 -20.35
N ASP A 190 23.80 -7.64 -21.24
CA ASP A 190 22.42 -7.86 -21.64
C ASP A 190 22.22 -9.20 -22.33
N ASN A 191 23.12 -9.54 -23.26
CA ASN A 191 23.11 -10.83 -23.95
C ASN A 191 23.13 -11.97 -22.96
N PHE A 192 24.06 -11.88 -22.02
CA PHE A 192 24.22 -12.90 -20.99
C PHE A 192 23.00 -12.99 -20.07
N ALA A 193 22.43 -11.84 -19.70
CA ALA A 193 21.24 -11.82 -18.87
C ALA A 193 20.09 -12.55 -19.56
N ILE A 194 19.86 -12.18 -20.82
CA ILE A 194 18.79 -12.76 -21.63
C ILE A 194 18.98 -14.25 -21.83
N GLU A 195 20.22 -14.63 -22.11
CA GLU A 195 20.59 -16.03 -22.25
C GLU A 195 20.32 -16.81 -20.97
N SER A 196 20.63 -16.19 -19.84
CA SER A 196 20.40 -16.79 -18.52
C SER A 196 18.93 -17.00 -18.22
N TYR A 197 18.11 -16.02 -18.58
CA TYR A 197 16.66 -16.15 -18.45
C TYR A 197 16.16 -17.33 -19.26
N GLN A 198 16.59 -17.43 -20.51
CA GLN A 198 16.13 -18.52 -21.37
C GLN A 198 16.59 -19.90 -20.89
N LYS A 199 17.80 -19.99 -20.34
CA LYS A 199 18.23 -21.23 -19.73
C LYS A 199 17.41 -21.60 -18.48
N SER A 200 17.06 -20.58 -17.69
CA SER A 200 16.27 -20.79 -16.48
C SER A 200 14.85 -21.25 -16.80
N GLN A 201 14.22 -20.59 -17.76
CA GLN A 201 12.89 -20.98 -18.26
C GLN A 201 12.86 -22.43 -18.80
N LYS A 202 13.90 -22.81 -19.53
CA LYS A 202 14.01 -24.15 -20.12
C LYS A 202 14.20 -25.24 -19.07
N SER A 203 15.10 -24.98 -18.12
CA SER A 203 15.32 -25.87 -16.97
C SER A 203 14.06 -26.07 -16.11
N GLN A 204 13.26 -25.01 -16.03
CA GLN A 204 11.97 -25.04 -15.34
C GLN A 204 10.99 -25.95 -16.09
N LYS A 205 10.86 -25.73 -17.40
CA LYS A 205 10.00 -26.54 -18.27
C LYS A 205 10.35 -28.03 -18.24
N GLU A 206 11.65 -28.34 -18.22
CA GLU A 206 12.14 -29.72 -18.18
C GLU A 206 12.18 -30.37 -16.78
N GLY A 207 11.66 -29.69 -15.77
CA GLY A 207 11.54 -30.25 -14.42
C GLY A 207 12.85 -30.40 -13.67
N LYS A 208 13.84 -29.59 -14.01
CA LYS A 208 15.19 -29.69 -13.42
C LYS A 208 15.26 -29.26 -11.96
N PHE A 209 14.36 -28.35 -11.55
CA PHE A 209 14.27 -27.88 -10.15
C PHE A 209 13.25 -28.66 -9.30
N ASP A 210 12.53 -29.61 -9.90
CA ASP A 210 11.41 -30.30 -9.23
C ASP A 210 11.82 -31.09 -8.00
N ASN A 211 12.98 -31.74 -8.07
CA ASN A 211 13.47 -32.55 -6.96
C ASN A 211 13.91 -31.71 -5.75
N GLU A 212 14.48 -30.54 -5.99
CA GLU A 212 14.96 -29.67 -4.91
C GLU A 212 13.86 -28.79 -4.27
N ILE A 213 12.87 -28.39 -5.06
CA ILE A 213 11.82 -27.49 -4.61
C ILE A 213 10.73 -28.18 -3.76
N VAL A 214 10.40 -27.55 -2.64
CA VAL A 214 9.20 -27.91 -1.85
C VAL A 214 8.27 -26.70 -1.87
N PRO A 215 6.96 -26.91 -2.08
CA PRO A 215 6.06 -25.78 -2.25
C PRO A 215 5.72 -25.05 -0.95
N VAL A 216 5.22 -23.83 -1.08
CA VAL A 216 4.81 -23.01 0.05
C VAL A 216 3.31 -22.82 0.01
N THR A 217 2.64 -23.20 1.11
CA THR A 217 1.21 -23.00 1.29
C THR A 217 0.91 -21.54 1.54
N ILE A 218 -0.04 -21.00 0.78
CA ILE A 218 -0.49 -19.62 0.92
C ILE A 218 -1.92 -19.67 1.41
N LYS A 219 -2.17 -19.04 2.56
CA LYS A 219 -3.52 -19.01 3.10
C LYS A 219 -4.42 -18.09 2.29
N GLY A 220 -5.58 -18.62 1.95
CA GLY A 220 -6.56 -17.90 1.18
C GLY A 220 -7.15 -16.78 2.02
N PHE A 221 -7.33 -15.65 1.36
CA PHE A 221 -7.66 -14.39 2.03
C PHE A 221 -9.15 -14.23 2.25
N ARG A 222 -9.63 -14.62 3.43
CA ARG A 222 -11.03 -14.38 3.84
C ARG A 222 -12.06 -14.89 2.83
N GLY A 223 -12.11 -16.22 2.70
CA GLY A 223 -13.06 -16.87 1.79
C GLY A 223 -12.43 -17.31 0.48
N LYS A 224 -11.28 -16.74 0.13
CA LYS A 224 -10.55 -17.20 -1.03
C LYS A 224 -9.89 -18.50 -0.62
N PRO A 225 -9.74 -19.41 -1.58
CA PRO A 225 -9.21 -20.72 -1.27
C PRO A 225 -7.70 -20.67 -1.08
N ASP A 226 -7.20 -21.53 -0.21
CA ASP A 226 -5.77 -21.69 -0.01
C ASP A 226 -5.15 -22.20 -1.29
N THR A 227 -3.88 -21.88 -1.46
CA THR A 227 -3.15 -22.34 -2.63
C THR A 227 -1.71 -22.65 -2.30
N GLN A 228 -0.98 -23.10 -3.31
CA GLN A 228 0.44 -23.44 -3.16
C GLN A 228 1.27 -22.70 -4.20
N VAL A 229 2.41 -22.20 -3.77
CA VAL A 229 3.40 -21.62 -4.66
C VAL A 229 4.39 -22.74 -4.91
N THR A 230 4.47 -23.17 -6.16
CA THR A 230 5.29 -24.33 -6.53
C THR A 230 6.50 -24.03 -7.39
N LYS A 231 6.54 -22.88 -8.04
CA LYS A 231 7.67 -22.58 -8.92
C LYS A 231 8.26 -21.19 -8.77
N ASP A 232 9.51 -21.08 -9.19
CA ASP A 232 10.25 -19.83 -9.14
C ASP A 232 9.52 -18.82 -10.01
N GLU A 233 9.31 -17.63 -9.47
CA GLU A 233 8.45 -16.63 -10.08
C GLU A 233 9.17 -15.76 -11.12
N GLU A 234 10.46 -15.49 -10.89
CA GLU A 234 11.19 -14.49 -11.67
C GLU A 234 11.44 -14.84 -13.16
N PRO A 235 11.75 -16.10 -13.49
CA PRO A 235 12.12 -16.43 -14.87
C PRO A 235 11.09 -16.09 -15.96
N ALA A 236 9.81 -16.29 -15.68
CA ALA A 236 8.73 -15.98 -16.65
C ALA A 236 8.53 -14.49 -16.94
N ARG A 237 9.08 -13.63 -16.08
CA ARG A 237 8.88 -12.18 -16.19
C ARG A 237 10.00 -11.45 -16.96
N LEU A 238 10.66 -12.15 -17.86
CA LEU A 238 11.69 -11.53 -18.70
C LEU A 238 11.03 -10.52 -19.61
N HIS A 239 11.63 -9.35 -19.72
CA HIS A 239 11.20 -8.34 -20.66
C HIS A 239 12.46 -7.88 -21.38
N VAL A 240 12.65 -8.37 -22.61
CA VAL A 240 13.89 -8.07 -23.35
C VAL A 240 14.04 -6.59 -23.70
N GLU A 241 12.99 -6.00 -24.26
CA GLU A 241 13.09 -4.62 -24.76
C GLU A 241 13.39 -3.64 -23.62
N LYS A 242 12.74 -3.86 -22.49
CA LYS A 242 12.92 -3.07 -21.27
C LYS A 242 14.37 -3.16 -20.76
N LEU A 243 14.90 -4.37 -20.76
CA LEU A 243 16.27 -4.65 -20.36
C LEU A 243 17.27 -3.91 -21.24
N ARG A 244 17.04 -3.94 -22.55
CA ARG A 244 17.94 -3.27 -23.49
C ARG A 244 17.68 -1.78 -23.63
N SER A 245 16.42 -1.41 -23.84
CA SER A 245 16.01 -0.01 -24.02
C SER A 245 16.14 0.84 -22.75
N ALA A 262 17.77 -2.59 -11.24
CA ALA A 262 19.02 -3.35 -11.35
C ALA A 262 19.13 -4.44 -10.30
N SER A 263 18.87 -4.06 -9.05
CA SER A 263 18.77 -4.97 -7.91
C SER A 263 17.65 -5.99 -8.08
N PRO A 264 17.98 -7.31 -8.08
CA PRO A 264 16.91 -8.31 -8.03
C PRO A 264 16.53 -8.57 -6.58
N ILE A 265 15.30 -8.23 -6.21
CA ILE A 265 14.84 -8.31 -4.83
C ILE A 265 13.88 -9.49 -4.77
N ASN A 266 14.16 -10.43 -3.87
CA ASN A 266 13.42 -11.70 -3.82
C ASN A 266 13.28 -12.28 -2.43
N ASP A 267 12.36 -13.23 -2.33
CA ASP A 267 12.08 -13.94 -1.08
C ASP A 267 12.32 -15.44 -1.29
N GLY A 268 12.82 -16.11 -0.26
CA GLY A 268 13.00 -17.56 -0.33
C GLY A 268 13.84 -18.11 0.79
N ALA A 269 13.97 -19.45 0.78
CA ALA A 269 14.75 -20.16 1.78
C ALA A 269 15.27 -21.49 1.24
N ALA A 270 16.36 -21.95 1.85
CA ALA A 270 17.01 -23.21 1.48
C ALA A 270 17.64 -23.83 2.72
N ALA A 271 17.71 -25.15 2.73
CA ALA A 271 18.24 -25.92 3.86
C ALA A 271 19.02 -27.12 3.37
N VAL A 272 20.09 -27.46 4.08
CA VAL A 272 20.87 -28.67 3.81
C VAL A 272 21.20 -29.34 5.15
N ILE A 273 21.24 -30.68 5.15
CA ILE A 273 21.52 -31.46 6.35
C ILE A 273 22.90 -32.12 6.20
N LEU A 274 23.78 -31.83 7.15
CA LEU A 274 25.14 -32.33 7.17
C LEU A 274 25.32 -33.33 8.31
N VAL A 275 26.04 -34.41 8.04
CA VAL A 275 26.32 -35.44 9.05
C VAL A 275 27.76 -35.90 9.00
N SER A 276 28.25 -36.41 10.11
CA SER A 276 29.56 -37.04 10.16
C SER A 276 29.47 -38.44 9.58
N GLU A 277 30.63 -39.00 9.27
CA GLU A 277 30.68 -40.36 8.72
C GLU A 277 30.13 -41.37 9.70
N LYS A 278 30.51 -41.20 10.95
CA LYS A 278 29.99 -42.00 12.05
C LYS A 278 28.48 -42.10 11.98
N VAL A 279 27.80 -40.96 12.02
CA VAL A 279 26.33 -40.94 11.99
C VAL A 279 25.77 -41.60 10.75
N LEU A 280 26.42 -41.34 9.62
CA LEU A 280 26.01 -41.93 8.35
C LEU A 280 25.96 -43.45 8.42
N LYS A 281 26.91 -44.05 9.15
CA LYS A 281 26.97 -45.50 9.37
C LYS A 281 25.98 -46.04 10.38
N GLU A 282 25.85 -45.35 11.50
CA GLU A 282 24.97 -45.83 12.58
C GLU A 282 23.48 -45.76 12.22
N LYS A 283 23.11 -44.71 11.48
CA LYS A 283 21.72 -44.49 11.07
C LYS A 283 21.37 -45.06 9.70
N ASN A 284 22.38 -45.58 8.99
CA ASN A 284 22.23 -46.19 7.67
C ASN A 284 21.63 -45.21 6.65
N LEU A 285 22.26 -44.04 6.57
CA LEU A 285 21.84 -42.99 5.64
C LEU A 285 22.57 -43.12 4.31
N LYS A 286 21.86 -42.75 3.25
CA LYS A 286 22.45 -42.62 1.92
C LYS A 286 23.12 -41.24 1.79
N PRO A 287 24.44 -41.20 1.61
CA PRO A 287 25.06 -39.89 1.36
C PRO A 287 24.76 -39.41 -0.07
N LEU A 288 24.44 -38.13 -0.20
CA LEU A 288 24.22 -37.51 -1.52
C LEU A 288 25.52 -36.96 -2.08
N ALA A 289 26.34 -36.41 -1.21
CA ALA A 289 27.62 -35.82 -1.59
C ALA A 289 28.51 -35.70 -0.37
N ILE A 290 29.79 -35.45 -0.65
CA ILE A 290 30.78 -35.20 0.39
C ILE A 290 31.31 -33.79 0.18
N ILE A 291 31.48 -33.06 1.28
CA ILE A 291 32.09 -31.74 1.24
C ILE A 291 33.60 -31.92 1.16
N LYS A 292 34.14 -31.74 -0.03
CA LYS A 292 35.57 -31.92 -0.26
C LYS A 292 36.39 -30.76 0.31
N GLY A 293 35.89 -29.54 0.14
CA GLY A 293 36.53 -28.37 0.72
C GLY A 293 35.80 -27.06 0.46
N TRP A 294 36.41 -25.99 0.94
CA TRP A 294 35.87 -24.65 0.85
C TRP A 294 36.98 -23.61 0.97
N GLY A 295 36.65 -22.43 0.48
CA GLY A 295 37.57 -21.31 0.46
C GLY A 295 36.80 -20.01 0.53
N GLU A 296 37.35 -19.07 1.28
CA GLU A 296 36.77 -17.74 1.39
C GLU A 296 37.87 -16.72 1.18
N ALA A 297 37.51 -15.63 0.52
CA ALA A 297 38.44 -14.54 0.24
C ALA A 297 37.69 -13.23 0.13
N ALA A 298 38.48 -12.15 0.17
CA ALA A 298 37.93 -10.81 0.05
C ALA A 298 38.97 -9.84 -0.44
N HIS A 299 38.49 -8.70 -0.92
CA HIS A 299 39.34 -7.56 -1.26
C HIS A 299 38.48 -6.28 -1.22
N GLN A 300 38.77 -5.30 -2.07
CA GLN A 300 38.07 -4.01 -2.11
C GLN A 300 36.54 -4.19 -2.15
N PRO A 301 35.79 -3.53 -1.24
CA PRO A 301 34.32 -3.60 -1.25
C PRO A 301 33.63 -3.40 -2.61
N ALA A 302 34.14 -2.45 -3.39
CA ALA A 302 33.60 -2.14 -4.72
C ALA A 302 33.84 -3.25 -5.75
N ASP A 303 34.83 -4.11 -5.50
CA ASP A 303 35.19 -5.20 -6.41
C ASP A 303 34.64 -6.58 -6.03
N PHE A 304 33.56 -6.61 -5.24
CA PHE A 304 32.98 -7.87 -4.77
C PHE A 304 32.64 -8.85 -5.90
N THR A 305 32.21 -8.33 -7.05
CA THR A 305 31.78 -9.14 -8.21
C THR A 305 32.81 -10.15 -8.73
N TRP A 306 34.10 -9.84 -8.62
CA TRP A 306 35.17 -10.79 -9.04
C TRP A 306 35.98 -11.36 -7.86
N ALA A 307 35.44 -11.22 -6.66
CA ALA A 307 35.96 -11.91 -5.48
C ALA A 307 35.87 -13.44 -5.55
N PRO A 308 34.85 -13.99 -6.27
CA PRO A 308 34.82 -15.44 -6.46
C PRO A 308 36.07 -16.03 -7.14
N SER A 309 36.70 -15.26 -8.03
CA SER A 309 37.96 -15.68 -8.66
C SER A 309 39.12 -15.87 -7.68
N LEU A 310 39.02 -15.25 -6.50
CA LEU A 310 39.95 -15.48 -5.41
C LEU A 310 39.54 -16.64 -4.51
N ALA A 311 38.24 -16.77 -4.25
CA ALA A 311 37.75 -17.82 -3.38
C ALA A 311 37.81 -19.22 -3.99
N VAL A 312 37.51 -19.33 -5.28
CA VAL A 312 37.50 -20.64 -5.93
C VAL A 312 38.85 -21.39 -5.84
N PRO A 313 39.96 -20.72 -6.19
CA PRO A 313 41.27 -21.37 -6.09
C PRO A 313 41.64 -21.82 -4.69
N LYS A 314 41.25 -21.02 -3.68
CA LYS A 314 41.47 -21.42 -2.29
C LYS A 314 40.69 -22.68 -1.93
N ALA A 315 39.46 -22.76 -2.42
CA ALA A 315 38.60 -23.92 -2.19
C ALA A 315 39.15 -25.19 -2.84
N LEU A 316 39.57 -25.06 -4.09
CA LEU A 316 40.18 -26.17 -4.84
C LEU A 316 41.45 -26.69 -4.17
N LYS A 317 42.28 -25.77 -3.66
CA LYS A 317 43.47 -26.11 -2.90
C LYS A 317 43.14 -26.83 -1.60
N HIS A 318 42.11 -26.34 -0.90
CA HIS A 318 41.65 -26.96 0.34
C HIS A 318 41.11 -28.38 0.12
N ALA A 319 40.43 -28.58 -1.02
CA ALA A 319 39.87 -29.87 -1.41
C ALA A 319 40.91 -30.86 -1.98
N GLY A 320 42.10 -30.35 -2.26
CA GLY A 320 43.18 -31.13 -2.85
C GLY A 320 43.03 -31.35 -4.34
N ILE A 321 42.31 -30.45 -5.00
CA ILE A 321 42.13 -30.52 -6.44
C ILE A 321 43.20 -29.62 -7.05
N GLU A 322 44.17 -30.28 -7.68
CA GLU A 322 45.31 -29.59 -8.27
C GLU A 322 44.95 -28.96 -9.61
N ASP A 323 44.08 -29.62 -10.37
CA ASP A 323 43.69 -29.13 -11.69
C ASP A 323 42.24 -28.68 -11.74
N ILE A 324 42.03 -27.43 -12.16
CA ILE A 324 40.69 -26.87 -12.25
C ILE A 324 39.80 -27.53 -13.31
N ASN A 325 40.41 -28.12 -14.33
CA ASN A 325 39.65 -28.87 -15.34
C ASN A 325 39.03 -30.19 -14.87
N SER A 326 39.48 -30.72 -13.73
CA SER A 326 38.84 -31.90 -13.15
C SER A 326 37.43 -31.64 -12.58
N VAL A 327 37.07 -30.37 -12.40
CA VAL A 327 35.71 -29.98 -11.97
C VAL A 327 34.74 -30.15 -13.14
N ASP A 328 33.60 -30.77 -12.87
CA ASP A 328 32.58 -31.05 -13.91
C ASP A 328 31.58 -29.91 -14.10
N TYR A 329 31.14 -29.29 -13.00
CA TYR A 329 30.19 -28.18 -13.05
C TYR A 329 30.48 -27.08 -12.04
N PHE A 330 30.18 -25.85 -12.44
CA PHE A 330 30.36 -24.66 -11.61
C PHE A 330 29.02 -23.98 -11.45
N GLU A 331 28.65 -23.67 -10.21
CA GLU A 331 27.50 -22.79 -9.98
C GLU A 331 27.92 -21.57 -9.21
N PHE A 332 27.88 -20.44 -9.91
CA PHE A 332 28.01 -19.12 -9.31
C PHE A 332 26.61 -18.65 -9.01
N ASN A 333 26.46 -17.85 -7.97
CA ASN A 333 25.17 -17.24 -7.71
C ASN A 333 24.80 -16.34 -8.88
N GLU A 334 25.74 -15.50 -9.30
CA GLU A 334 25.60 -14.73 -10.54
C GLU A 334 24.31 -13.87 -10.55
N ALA A 335 24.16 -13.08 -9.49
CA ALA A 335 23.06 -12.12 -9.35
C ALA A 335 23.11 -11.03 -10.40
N PHE A 336 24.31 -10.71 -10.87
CA PHE A 336 24.51 -9.77 -11.95
C PHE A 336 25.24 -10.46 -13.10
N SER A 337 24.92 -10.05 -14.33
CA SER A 337 25.51 -10.64 -15.54
C SER A 337 27.04 -10.60 -15.54
N VAL A 338 27.59 -9.49 -15.06
CA VAL A 338 29.04 -9.30 -15.00
C VAL A 338 29.76 -10.37 -14.16
N VAL A 339 29.10 -10.85 -13.11
CA VAL A 339 29.67 -11.86 -12.22
C VAL A 339 29.93 -13.15 -12.98
N GLY A 340 28.98 -13.57 -13.81
CA GLY A 340 29.14 -14.74 -14.66
C GLY A 340 30.26 -14.57 -15.69
N LEU A 341 30.24 -13.43 -16.37
CA LEU A 341 31.21 -13.11 -17.41
C LEU A 341 32.64 -12.97 -16.89
N VAL A 342 32.86 -12.11 -15.90
CA VAL A 342 34.21 -11.83 -15.40
C VAL A 342 34.88 -13.06 -14.80
N ASN A 343 34.19 -13.72 -13.88
CA ASN A 343 34.78 -14.84 -13.13
C ASN A 343 35.11 -16.05 -13.99
N THR A 344 34.27 -16.33 -14.99
CA THR A 344 34.54 -17.37 -15.99
C THR A 344 35.83 -17.06 -16.77
N LYS A 345 35.97 -15.80 -17.18
CA LYS A 345 37.15 -15.31 -17.90
C LYS A 345 38.42 -15.37 -17.09
N ILE A 346 38.36 -14.85 -15.87
CA ILE A 346 39.53 -14.82 -14.99
C ILE A 346 40.00 -16.23 -14.68
N LEU A 347 39.05 -17.11 -14.39
CA LEU A 347 39.36 -18.49 -14.02
C LEU A 347 39.61 -19.41 -15.23
N LYS A 348 39.39 -18.89 -16.44
CA LYS A 348 39.61 -19.61 -17.71
C LYS A 348 38.79 -20.88 -17.79
N LEU A 349 37.51 -20.74 -17.47
CA LEU A 349 36.61 -21.86 -17.40
C LEU A 349 35.89 -22.08 -18.69
N ASP A 350 35.53 -23.35 -18.90
CA ASP A 350 34.74 -23.75 -20.03
C ASP A 350 33.33 -23.26 -19.74
N PRO A 351 32.80 -22.30 -20.53
CA PRO A 351 31.47 -21.75 -20.25
C PRO A 351 30.30 -22.75 -20.27
N SER A 352 30.49 -23.88 -20.97
CA SER A 352 29.49 -24.97 -21.00
C SER A 352 29.36 -25.74 -19.67
N LYS A 353 30.37 -25.65 -18.81
CA LYS A 353 30.32 -26.20 -17.45
C LYS A 353 29.75 -25.24 -16.38
N VAL A 354 29.43 -24.01 -16.75
CA VAL A 354 29.10 -22.96 -15.78
C VAL A 354 27.63 -22.58 -15.85
N ASN A 355 26.93 -22.75 -14.72
CA ASN A 355 25.56 -22.27 -14.55
C ASN A 355 24.62 -22.78 -15.64
N VAL A 356 24.61 -24.10 -15.81
CA VAL A 356 23.88 -24.74 -16.92
C VAL A 356 22.35 -24.65 -16.80
N TYR A 357 21.86 -24.47 -15.57
CA TYR A 357 20.43 -24.20 -15.32
C TYR A 357 20.06 -22.70 -15.22
N GLY A 358 21.03 -21.84 -15.50
CA GLY A 358 20.87 -20.40 -15.35
C GLY A 358 21.44 -19.92 -14.02
N GLY A 359 21.04 -18.72 -13.62
CA GLY A 359 21.53 -18.11 -12.38
C GLY A 359 20.57 -17.13 -11.75
N ALA A 360 21.03 -16.48 -10.68
CA ALA A 360 20.23 -15.56 -9.87
C ALA A 360 19.72 -14.33 -10.63
N VAL A 361 20.46 -13.89 -11.64
CA VAL A 361 20.01 -12.84 -12.56
C VAL A 361 18.60 -13.12 -13.11
N ALA A 362 18.31 -14.40 -13.35
CA ALA A 362 17.01 -14.88 -13.84
C ALA A 362 16.11 -15.47 -12.74
N LEU A 363 16.69 -16.24 -11.83
CA LEU A 363 15.94 -16.93 -10.79
C LEU A 363 15.59 -16.07 -9.57
N GLY A 364 16.36 -15.00 -9.36
CA GLY A 364 16.22 -14.14 -8.19
C GLY A 364 17.29 -14.37 -7.14
N HIS A 365 17.41 -13.41 -6.22
CA HIS A 365 18.48 -13.38 -5.23
C HIS A 365 17.98 -12.99 -3.82
N PRO A 366 17.36 -13.96 -3.09
CA PRO A 366 17.04 -13.72 -1.68
C PRO A 366 18.31 -13.85 -0.84
N LEU A 367 18.82 -12.71 -0.38
CA LEU A 367 20.20 -12.56 0.12
C LEU A 367 20.67 -13.67 1.07
N GLY A 368 19.95 -13.81 2.17
CA GLY A 368 20.32 -14.78 3.22
C GLY A 368 20.21 -16.24 2.84
N CYS A 369 19.54 -16.53 1.73
CA CYS A 369 19.25 -17.87 1.21
C CYS A 369 20.20 -18.33 0.10
N SER A 370 20.53 -17.43 -0.83
CA SER A 370 21.24 -17.76 -2.07
C SER A 370 22.50 -18.61 -1.91
N GLY A 371 23.27 -18.35 -0.85
CA GLY A 371 24.49 -19.11 -0.55
C GLY A 371 24.32 -20.62 -0.42
N ALA A 372 23.16 -21.05 0.06
CA ALA A 372 22.82 -22.47 0.17
C ALA A 372 22.09 -22.91 -1.08
N ARG A 373 21.29 -22.02 -1.66
CA ARG A 373 20.58 -22.26 -2.91
C ARG A 373 21.50 -22.74 -4.04
N VAL A 374 22.67 -22.10 -4.20
CA VAL A 374 23.64 -22.50 -5.23
C VAL A 374 24.18 -23.92 -5.00
N VAL A 375 24.36 -24.29 -3.73
CA VAL A 375 24.81 -25.63 -3.35
C VAL A 375 23.71 -26.67 -3.63
N VAL A 376 22.47 -26.30 -3.33
CA VAL A 376 21.30 -27.16 -3.59
C VAL A 376 21.21 -27.45 -5.10
N THR A 377 21.21 -26.37 -5.89
CA THR A 377 21.15 -26.48 -7.35
C THR A 377 22.36 -27.20 -7.96
N LEU A 378 23.56 -26.90 -7.46
CA LEU A 378 24.77 -27.59 -7.90
C LEU A 378 24.66 -29.10 -7.74
N LEU A 379 24.24 -29.53 -6.55
CA LEU A 379 24.04 -30.94 -6.26
C LEU A 379 23.02 -31.59 -7.21
N SER A 380 21.92 -30.88 -7.48
CA SER A 380 20.92 -31.33 -8.48
C SER A 380 21.54 -31.50 -9.86
N ILE A 381 22.41 -30.56 -10.25
CA ILE A 381 23.12 -30.61 -11.53
C ILE A 381 24.03 -31.84 -11.61
N LEU A 382 24.81 -32.08 -10.57
CA LEU A 382 25.69 -33.26 -10.51
C LEU A 382 24.91 -34.57 -10.65
N GLN A 383 23.75 -34.66 -9.98
CA GLN A 383 22.89 -35.84 -10.02
C GLN A 383 22.18 -36.04 -11.37
N GLN A 384 21.68 -34.95 -11.93
CA GLN A 384 20.85 -35.00 -13.14
C GLN A 384 21.64 -34.94 -14.44
N GLU A 385 22.78 -34.25 -14.44
CA GLU A 385 23.62 -34.08 -15.65
C GLU A 385 24.89 -34.95 -15.67
N GLY A 386 24.99 -35.89 -14.72
CA GLY A 386 26.07 -36.87 -14.70
C GLY A 386 27.44 -36.28 -14.38
N GLY A 387 27.50 -35.46 -13.33
CA GLY A 387 28.75 -34.87 -12.84
C GLY A 387 29.17 -35.52 -11.54
N LYS A 388 30.46 -35.44 -11.24
CA LYS A 388 31.03 -35.98 -9.99
C LYS A 388 31.51 -34.90 -9.03
N ILE A 389 32.35 -33.99 -9.53
CA ILE A 389 32.87 -32.87 -8.74
C ILE A 389 32.22 -31.56 -9.18
N GLY A 390 31.75 -30.80 -8.20
CA GLY A 390 31.12 -29.50 -8.43
C GLY A 390 31.72 -28.47 -7.49
N VAL A 391 31.79 -27.22 -7.95
CA VAL A 391 32.09 -26.11 -7.04
C VAL A 391 30.98 -25.05 -7.12
N ALA A 392 30.56 -24.60 -5.95
CA ALA A 392 29.62 -23.49 -5.84
C ALA A 392 30.39 -22.29 -5.35
N ALA A 393 30.01 -21.11 -5.83
CA ALA A 393 30.63 -19.86 -5.42
C ALA A 393 29.57 -18.75 -5.33
N ILE A 394 29.80 -17.83 -4.41
CA ILE A 394 28.91 -16.68 -4.25
C ILE A 394 29.71 -15.47 -3.76
N CYS A 395 29.60 -14.37 -4.48
CA CYS A 395 30.19 -13.11 -4.05
C CYS A 395 29.23 -12.44 -3.09
N ASN A 396 29.75 -11.55 -2.24
CA ASN A 396 28.91 -10.81 -1.29
C ASN A 396 29.30 -9.35 -1.14
N GLY A 397 28.30 -8.51 -0.89
CA GLY A 397 28.52 -7.09 -0.57
C GLY A 397 29.47 -6.96 0.61
N GLY A 398 30.35 -5.96 0.52
CA GLY A 398 31.48 -5.82 1.44
C GLY A 398 32.84 -6.18 0.82
N GLY A 399 32.81 -6.89 -0.31
CA GLY A 399 34.02 -7.22 -1.08
C GLY A 399 34.46 -8.68 -1.04
N GLY A 400 33.62 -9.55 -0.49
CA GLY A 400 33.98 -10.94 -0.21
C GLY A 400 33.36 -11.93 -1.17
N ALA A 401 33.83 -13.17 -1.05
CA ALA A 401 33.23 -14.30 -1.74
C ALA A 401 33.50 -15.57 -0.96
N SER A 402 32.57 -16.52 -1.09
CA SER A 402 32.69 -17.83 -0.47
C SER A 402 32.55 -18.89 -1.54
N SER A 403 33.20 -20.03 -1.31
CA SER A 403 33.18 -21.11 -2.28
C SER A 403 33.28 -22.45 -1.59
N ILE A 404 32.60 -23.45 -2.16
CA ILE A 404 32.59 -24.80 -1.63
C ILE A 404 32.73 -25.82 -2.78
N VAL A 405 33.49 -26.88 -2.52
CA VAL A 405 33.69 -27.99 -3.45
C VAL A 405 32.98 -29.20 -2.87
N ILE A 406 32.11 -29.82 -3.68
CA ILE A 406 31.43 -31.06 -3.29
C ILE A 406 31.71 -32.17 -4.31
N GLU A 407 31.66 -33.41 -3.85
CA GLU A 407 31.74 -34.58 -4.73
C GLU A 407 30.52 -35.45 -4.53
N LYS A 408 29.79 -35.70 -5.60
CA LYS A 408 28.64 -36.59 -5.58
C LYS A 408 29.07 -38.03 -5.26
N ILE A 409 28.17 -38.77 -4.63
CA ILE A 409 28.40 -40.17 -4.26
C ILE A 409 28.17 -41.09 -5.45
N GLN B 14 -30.55 42.87 2.72
CA GLN B 14 -29.60 42.89 1.55
C GLN B 14 -29.51 41.48 0.97
N ASN B 15 -29.93 41.33 -0.28
CA ASN B 15 -30.10 40.01 -0.89
C ASN B 15 -28.77 39.40 -1.33
N VAL B 16 -28.66 38.07 -1.14
CA VAL B 16 -27.50 37.29 -1.58
C VAL B 16 -27.96 36.27 -2.61
N TYR B 17 -27.39 36.36 -3.81
CA TYR B 17 -27.77 35.50 -4.93
C TYR B 17 -26.69 34.48 -5.28
N ILE B 18 -27.09 33.22 -5.44
CA ILE B 18 -26.26 32.21 -6.06
C ILE B 18 -26.29 32.45 -7.57
N VAL B 19 -25.11 32.69 -8.14
CA VAL B 19 -24.96 33.04 -9.55
C VAL B 19 -24.32 31.91 -10.40
N SER B 20 -23.64 30.95 -9.74
CA SER B 20 -23.01 29.81 -10.42
C SER B 20 -22.64 28.73 -9.41
N THR B 21 -22.76 27.48 -9.85
CA THR B 21 -22.38 26.32 -9.03
C THR B 21 -21.67 25.28 -9.88
N ALA B 22 -20.82 24.49 -9.23
CA ALA B 22 -20.15 23.36 -9.87
C ALA B 22 -19.55 22.44 -8.82
N ARG B 23 -19.39 21.18 -9.20
CA ARG B 23 -18.73 20.19 -8.36
C ARG B 23 -17.98 19.18 -9.19
N THR B 24 -17.00 18.53 -8.56
CA THR B 24 -16.30 17.42 -9.18
C THR B 24 -17.17 16.19 -9.05
N PRO B 25 -16.87 15.14 -9.84
CA PRO B 25 -17.40 13.85 -9.45
C PRO B 25 -16.84 13.46 -8.09
N ILE B 26 -17.59 12.65 -7.35
CA ILE B 26 -17.18 12.16 -6.05
C ILE B 26 -16.47 10.82 -6.26
N GLY B 27 -15.19 10.78 -5.92
CA GLY B 27 -14.36 9.58 -6.07
C GLY B 27 -14.42 8.68 -4.85
N SER B 28 -14.22 7.38 -5.07
CA SER B 28 -14.17 6.41 -3.98
C SER B 28 -12.84 6.46 -3.27
N PHE B 29 -12.81 5.90 -2.07
CA PHE B 29 -11.61 5.82 -1.25
C PHE B 29 -10.55 4.99 -1.98
N GLN B 30 -9.39 5.61 -2.18
CA GLN B 30 -8.28 5.06 -3.00
C GLN B 30 -8.72 4.78 -4.44
N GLY B 31 -9.63 5.61 -4.96
CA GLY B 31 -10.30 5.36 -6.23
C GLY B 31 -9.88 6.27 -7.37
N SER B 32 -10.86 6.73 -8.13
CA SER B 32 -10.63 7.46 -9.38
C SER B 32 -9.95 8.83 -9.22
N LEU B 33 -10.05 9.45 -8.05
CA LEU B 33 -9.41 10.74 -7.78
C LEU B 33 -8.21 10.67 -6.83
N SER B 34 -7.68 9.46 -6.61
CA SER B 34 -6.57 9.23 -5.69
C SER B 34 -5.28 9.99 -6.03
N SER B 35 -5.07 10.25 -7.31
CA SER B 35 -3.91 11.04 -7.77
C SER B 35 -4.00 12.56 -7.53
N LYS B 36 -5.19 13.07 -7.19
CA LYS B 36 -5.40 14.50 -6.94
C LYS B 36 -5.44 14.84 -5.45
N THR B 37 -4.86 16.00 -5.12
CA THR B 37 -4.93 16.53 -3.76
C THR B 37 -6.28 17.23 -3.58
N ALA B 38 -6.62 17.52 -2.33
CA ALA B 38 -7.84 18.26 -1.99
C ALA B 38 -7.86 19.64 -2.66
N VAL B 39 -6.69 20.30 -2.67
CA VAL B 39 -6.54 21.61 -3.30
C VAL B 39 -6.79 21.56 -4.80
N GLU B 40 -6.22 20.54 -5.45
CA GLU B 40 -6.41 20.34 -6.89
C GLU B 40 -7.87 20.10 -7.25
N LEU B 41 -8.58 19.30 -6.45
CA LEU B 41 -10.00 19.07 -6.65
C LEU B 41 -10.81 20.36 -6.44
N GLY B 42 -10.42 21.13 -5.43
CA GLY B 42 -11.03 22.44 -5.16
C GLY B 42 -10.92 23.39 -6.35
N ALA B 43 -9.72 23.46 -6.93
CA ALA B 43 -9.46 24.28 -8.11
C ALA B 43 -10.31 23.87 -9.32
N VAL B 44 -10.46 22.56 -9.53
CA VAL B 44 -11.30 22.06 -10.63
C VAL B 44 -12.74 22.53 -10.48
N ALA B 45 -13.32 22.29 -9.31
CA ALA B 45 -14.70 22.71 -9.02
C ALA B 45 -14.88 24.22 -9.18
N LEU B 46 -13.93 24.98 -8.66
CA LEU B 46 -14.00 26.43 -8.70
C LEU B 46 -13.91 26.97 -10.13
N LYS B 47 -12.93 26.49 -10.88
CA LYS B 47 -12.82 26.82 -12.31
C LYS B 47 -14.06 26.44 -13.13
N GLY B 48 -14.66 25.30 -12.80
CA GLY B 48 -15.93 24.90 -13.38
C GLY B 48 -17.05 25.91 -13.14
N ALA B 49 -17.10 26.45 -11.92
CA ALA B 49 -18.07 27.47 -11.55
C ALA B 49 -17.79 28.83 -12.20
N LEU B 50 -16.52 29.25 -12.17
CA LEU B 50 -16.07 30.51 -12.80
C LEU B 50 -16.38 30.58 -14.29
N ALA B 51 -16.21 29.45 -14.98
CA ALA B 51 -16.44 29.36 -16.44
C ALA B 51 -17.88 29.69 -16.87
N LYS B 52 -18.84 29.41 -15.99
CA LYS B 52 -20.25 29.69 -16.24
C LYS B 52 -20.66 31.16 -16.08
N VAL B 53 -19.81 31.96 -15.44
CA VAL B 53 -20.04 33.40 -15.29
C VAL B 53 -18.83 34.24 -15.76
N PRO B 54 -18.59 34.27 -17.10
CA PRO B 54 -17.49 35.06 -17.67
C PRO B 54 -17.58 36.58 -17.44
N GLU B 55 -18.78 37.09 -17.15
CA GLU B 55 -19.01 38.50 -16.82
C GLU B 55 -18.20 38.94 -15.61
N LEU B 56 -18.04 38.02 -14.66
CA LEU B 56 -17.13 38.20 -13.52
C LEU B 56 -15.72 37.86 -13.94
N ASP B 57 -14.83 38.85 -13.88
CA ASP B 57 -13.43 38.70 -14.25
C ASP B 57 -12.62 38.20 -13.04
N ALA B 58 -11.91 37.09 -13.25
CA ALA B 58 -11.10 36.43 -12.22
C ALA B 58 -10.04 37.33 -11.58
N SER B 59 -9.45 38.22 -12.39
CA SER B 59 -8.38 39.11 -11.94
C SER B 59 -8.82 40.35 -11.14
N LYS B 60 -10.13 40.61 -11.04
CA LYS B 60 -10.62 41.84 -10.38
C LYS B 60 -11.89 41.76 -9.52
N ASP B 61 -12.87 40.94 -9.91
CA ASP B 61 -14.21 41.00 -9.31
C ASP B 61 -14.47 40.16 -8.05
N PHE B 62 -13.55 39.28 -7.68
CA PHE B 62 -13.76 38.35 -6.53
C PHE B 62 -13.10 38.84 -5.25
N ASP B 63 -13.93 39.28 -4.30
CA ASP B 63 -13.47 39.91 -3.07
C ASP B 63 -12.92 38.89 -2.06
N GLU B 64 -13.62 37.77 -1.91
CA GLU B 64 -13.33 36.82 -0.84
C GLU B 64 -13.57 35.37 -1.24
N ILE B 65 -12.79 34.46 -0.67
CA ILE B 65 -13.06 33.02 -0.73
C ILE B 65 -13.11 32.46 0.70
N ILE B 66 -14.17 31.73 1.01
CA ILE B 66 -14.29 30.98 2.26
C ILE B 66 -14.55 29.54 1.81
N PHE B 67 -13.63 28.64 2.15
CA PHE B 67 -13.67 27.27 1.65
C PHE B 67 -13.58 26.25 2.78
N GLY B 68 -14.47 25.27 2.75
CA GLY B 68 -14.51 24.19 3.71
C GLY B 68 -13.45 23.13 3.49
N ASN B 69 -12.84 22.68 4.59
CA ASN B 69 -11.91 21.53 4.58
C ASN B 69 -11.71 21.03 6.00
N VAL B 70 -11.78 19.72 6.17
CA VAL B 70 -11.65 19.09 7.49
C VAL B 70 -10.22 18.59 7.73
N LEU B 71 -9.73 17.77 6.81
CA LEU B 71 -8.41 17.16 6.93
C LEU B 71 -7.37 18.01 6.17
N SER B 72 -6.89 19.04 6.86
CA SER B 72 -5.93 20.00 6.32
C SER B 72 -4.46 19.59 6.38
N ALA B 73 -4.17 18.51 7.10
CA ALA B 73 -2.80 18.01 7.26
C ALA B 73 -2.15 17.69 5.91
N ASN B 74 -0.96 18.27 5.71
CA ASN B 74 -0.14 18.11 4.49
C ASN B 74 -0.70 18.77 3.22
N LEU B 75 -1.71 19.64 3.36
CA LEU B 75 -2.22 20.41 2.23
C LEU B 75 -1.35 21.65 1.94
N GLY B 76 -0.51 22.03 2.91
CA GLY B 76 0.28 23.26 2.80
C GLY B 76 -0.48 24.45 3.38
N GLN B 77 0.23 25.56 3.54
CA GLN B 77 -0.35 26.81 4.08
C GLN B 77 -1.63 27.24 3.38
N ALA B 78 -2.69 27.44 4.17
CA ALA B 78 -3.93 28.07 3.71
C ALA B 78 -4.55 27.39 2.48
N PRO B 79 -5.22 26.24 2.69
CA PRO B 79 -5.86 25.51 1.58
C PRO B 79 -6.78 26.36 0.69
N ALA B 80 -7.67 27.14 1.28
CA ALA B 80 -8.60 28.01 0.53
C ALA B 80 -7.87 29.01 -0.38
N ARG B 81 -6.80 29.60 0.14
CA ARG B 81 -5.92 30.49 -0.62
C ARG B 81 -5.34 29.77 -1.84
N GLN B 82 -4.76 28.59 -1.61
CA GLN B 82 -4.22 27.76 -2.70
C GLN B 82 -5.25 27.42 -3.77
N VAL B 83 -6.46 27.07 -3.33
CA VAL B 83 -7.56 26.78 -4.24
C VAL B 83 -7.87 27.97 -5.15
N ALA B 84 -7.96 29.16 -4.55
CA ALA B 84 -8.22 30.40 -5.29
C ALA B 84 -7.14 30.69 -6.33
N LEU B 85 -5.88 30.66 -5.90
CA LEU B 85 -4.74 30.92 -6.79
C LEU B 85 -4.55 29.86 -7.88
N ALA B 86 -4.77 28.59 -7.56
CA ALA B 86 -4.71 27.50 -8.55
C ALA B 86 -5.83 27.58 -9.60
N ALA B 87 -6.98 28.13 -9.20
CA ALA B 87 -8.10 28.39 -10.11
C ALA B 87 -7.96 29.68 -10.95
N GLY B 88 -6.85 30.41 -10.80
CA GLY B 88 -6.57 31.61 -11.59
C GLY B 88 -7.18 32.90 -11.06
N LEU B 89 -7.67 32.89 -9.81
CA LEU B 89 -8.16 34.10 -9.17
C LEU B 89 -7.01 35.00 -8.76
N SER B 90 -7.31 36.29 -8.64
CA SER B 90 -6.33 37.30 -8.27
C SER B 90 -5.82 37.02 -6.87
N ASN B 91 -4.52 37.24 -6.65
CA ASN B 91 -3.94 37.16 -5.32
C ASN B 91 -4.35 38.29 -4.36
N HIS B 92 -5.21 39.20 -4.82
CA HIS B 92 -5.88 40.18 -3.97
C HIS B 92 -7.09 39.63 -3.19
N ILE B 93 -7.54 38.43 -3.55
CA ILE B 93 -8.66 37.80 -2.86
C ILE B 93 -8.34 37.54 -1.38
N VAL B 94 -9.32 37.80 -0.52
CA VAL B 94 -9.22 37.51 0.90
C VAL B 94 -9.62 36.05 1.06
N ALA B 95 -8.73 35.23 1.59
CA ALA B 95 -8.96 33.78 1.68
C ALA B 95 -8.95 33.29 3.13
N SER B 96 -9.92 32.43 3.44
CA SER B 96 -9.93 31.71 4.72
C SER B 96 -10.50 30.30 4.57
N THR B 97 -9.98 29.39 5.38
CA THR B 97 -10.44 28.00 5.42
C THR B 97 -11.26 27.79 6.68
N VAL B 98 -12.39 27.10 6.56
CA VAL B 98 -13.29 26.87 7.69
C VAL B 98 -13.51 25.37 7.88
N ASN B 99 -13.64 24.97 9.13
CA ASN B 99 -13.87 23.58 9.49
C ASN B 99 -15.01 23.50 10.49
N LYS B 100 -16.07 22.83 10.08
CA LYS B 100 -17.21 22.48 10.94
C LYS B 100 -17.52 21.02 10.66
N VAL B 101 -16.44 20.23 10.57
CA VAL B 101 -16.49 18.83 10.16
C VAL B 101 -17.32 18.66 8.88
N CYS B 102 -18.36 17.83 8.92
CA CYS B 102 -19.19 17.53 7.76
C CYS B 102 -19.94 18.73 7.19
N ALA B 103 -20.23 19.73 8.04
CA ALA B 103 -20.97 20.94 7.62
C ALA B 103 -20.06 22.08 7.17
N SER B 104 -18.75 21.85 7.08
CA SER B 104 -17.76 22.89 6.78
C SER B 104 -18.10 23.74 5.58
N ALA B 105 -18.41 23.08 4.48
CA ALA B 105 -18.72 23.73 3.23
C ALA B 105 -20.05 24.49 3.26
N MET B 106 -21.00 24.01 4.06
CA MET B 106 -22.25 24.75 4.25
C MET B 106 -22.00 25.99 5.08
N LYS B 107 -21.22 25.85 6.14
CA LYS B 107 -20.77 26.97 6.95
C LYS B 107 -20.04 28.04 6.12
N ALA B 108 -19.23 27.60 5.16
CA ALA B 108 -18.55 28.51 4.24
C ALA B 108 -19.52 29.40 3.44
N ILE B 109 -20.62 28.79 2.96
CA ILE B 109 -21.68 29.51 2.24
C ILE B 109 -22.38 30.51 3.18
N ILE B 110 -22.74 30.05 4.38
CA ILE B 110 -23.36 30.92 5.40
C ILE B 110 -22.49 32.11 5.77
N LEU B 111 -21.20 31.87 5.99
CA LEU B 111 -20.23 32.95 6.28
C LEU B 111 -20.01 33.89 5.10
N GLY B 112 -20.08 33.34 3.88
CA GLY B 112 -20.02 34.16 2.66
C GLY B 112 -21.23 35.07 2.52
N ALA B 113 -22.41 34.52 2.80
CA ALA B 113 -23.66 35.26 2.76
C ALA B 113 -23.64 36.43 3.75
N GLN B 114 -23.27 36.13 5.00
CA GLN B 114 -23.09 37.15 6.05
C GLN B 114 -22.14 38.27 5.66
N SER B 115 -21.05 37.90 4.98
CA SER B 115 -20.05 38.85 4.51
C SER B 115 -20.61 39.81 3.45
N ILE B 116 -21.42 39.27 2.54
CA ILE B 116 -22.09 40.06 1.51
C ILE B 116 -23.14 40.99 2.11
N LYS B 117 -23.90 40.41 3.04
CA LYS B 117 -24.97 41.08 3.77
C LYS B 117 -24.50 42.31 4.54
N CYS B 118 -23.30 42.23 5.09
CA CYS B 118 -22.69 43.33 5.82
C CYS B 118 -22.04 44.39 4.94
N GLY B 119 -21.93 44.12 3.64
CA GLY B 119 -21.31 45.07 2.70
C GLY B 119 -19.79 45.00 2.64
N ASN B 120 -19.20 44.04 3.35
CA ASN B 120 -17.75 43.83 3.34
C ASN B 120 -17.24 43.29 2.02
N ALA B 121 -18.09 42.50 1.36
CA ALA B 121 -17.78 41.92 0.07
C ALA B 121 -19.00 42.00 -0.83
N ASP B 122 -18.74 42.05 -2.13
CA ASP B 122 -19.77 42.04 -3.15
C ASP B 122 -19.82 40.73 -3.94
N VAL B 123 -18.67 40.04 -4.07
CA VAL B 123 -18.59 38.73 -4.71
C VAL B 123 -17.78 37.78 -3.83
N VAL B 124 -18.39 36.68 -3.42
CA VAL B 124 -17.75 35.67 -2.59
C VAL B 124 -17.81 34.29 -3.22
N VAL B 125 -16.65 33.62 -3.28
CA VAL B 125 -16.57 32.21 -3.60
C VAL B 125 -16.73 31.44 -2.29
N ALA B 126 -17.69 30.53 -2.26
CA ALA B 126 -17.83 29.59 -1.15
C ALA B 126 -17.88 28.18 -1.68
N GLY B 127 -17.67 27.22 -0.78
CA GLY B 127 -17.69 25.81 -1.13
C GLY B 127 -16.78 25.01 -0.22
N GLY B 128 -16.31 23.88 -0.72
CA GLY B 128 -15.37 23.05 0.02
C GLY B 128 -14.70 21.98 -0.81
N CYS B 129 -13.69 21.35 -0.22
CA CYS B 129 -12.94 20.28 -0.86
C CYS B 129 -12.40 19.31 0.17
N GLU B 130 -12.17 18.08 -0.27
CA GLU B 130 -11.66 17.04 0.61
C GLU B 130 -11.08 15.89 -0.20
N SER B 131 -9.91 15.43 0.24
CA SER B 131 -9.32 14.18 -0.22
C SER B 131 -9.04 13.34 1.01
N MET B 132 -10.01 12.50 1.35
CA MET B 132 -9.86 11.55 2.46
C MET B 132 -8.85 10.46 2.12
N THR B 133 -8.70 10.17 0.82
CA THR B 133 -7.65 9.26 0.32
C THR B 133 -6.25 9.74 0.71
N ASN B 134 -5.97 11.01 0.45
CA ASN B 134 -4.61 11.57 0.64
C ASN B 134 -4.40 12.26 1.98
N ALA B 135 -5.35 12.11 2.92
CA ALA B 135 -5.11 12.49 4.30
C ALA B 135 -4.00 11.59 4.86
N PRO B 136 -2.97 12.19 5.48
CA PRO B 136 -1.85 11.40 5.94
C PRO B 136 -2.07 10.71 7.28
N TYR B 137 -1.16 9.80 7.59
CA TYR B 137 -0.97 9.28 8.93
C TYR B 137 -0.11 10.22 9.74
N TYR B 138 -0.42 10.33 11.03
CA TYR B 138 0.32 11.18 11.96
C TYR B 138 1.19 10.33 12.87
N MET B 139 2.33 10.88 13.27
CA MET B 139 3.15 10.29 14.33
C MET B 139 3.26 11.27 15.48
N PRO B 140 2.37 11.17 16.49
CA PRO B 140 2.43 12.09 17.64
C PRO B 140 3.75 12.09 18.42
N ALA B 141 4.38 10.91 18.52
CA ALA B 141 5.62 10.76 19.30
C ALA B 141 6.91 11.16 18.57
N ALA B 142 6.82 11.51 17.29
CA ALA B 142 8.01 11.78 16.48
C ALA B 142 8.85 12.94 16.95
N ARG B 143 8.21 14.05 17.34
CA ARG B 143 8.95 15.26 17.67
C ARG B 143 9.80 15.08 18.93
N ALA B 144 9.16 14.64 20.02
CA ALA B 144 9.83 14.51 21.32
C ALA B 144 10.51 13.15 21.51
N GLY B 145 10.12 12.16 20.72
CA GLY B 145 10.69 10.81 20.79
C GLY B 145 9.78 9.82 21.50
N ALA B 146 9.84 8.57 21.09
CA ALA B 146 9.06 7.49 21.68
C ALA B 146 9.75 6.87 22.90
N LYS B 147 11.08 7.00 22.94
CA LYS B 147 11.95 6.57 24.05
C LYS B 147 12.11 5.06 24.20
N PHE B 148 11.01 4.39 24.53
CA PHE B 148 11.03 2.95 24.67
C PHE B 148 9.61 2.40 24.51
N GLY B 149 9.50 1.24 23.88
CA GLY B 149 8.21 0.59 23.70
C GLY B 149 7.53 1.05 22.45
N GLN B 150 6.51 0.31 22.03
CA GLN B 150 5.82 0.61 20.80
C GLN B 150 5.02 1.92 20.90
N THR B 151 4.87 2.56 19.74
CA THR B 151 4.08 3.79 19.62
C THR B 151 3.18 3.64 18.39
N VAL B 152 2.15 4.47 18.30
CA VAL B 152 1.14 4.32 17.24
C VAL B 152 1.27 5.38 16.15
N LEU B 153 1.04 4.94 14.92
CA LEU B 153 0.79 5.83 13.79
C LEU B 153 -0.71 6.00 13.66
N VAL B 154 -1.19 7.23 13.82
CA VAL B 154 -2.62 7.57 13.80
C VAL B 154 -3.09 7.88 12.38
N ASP B 155 -4.23 7.28 12.00
CA ASP B 155 -4.87 7.60 10.73
C ASP B 155 -5.66 8.91 10.89
N GLY B 156 -5.22 9.95 10.18
CA GLY B 156 -5.85 11.27 10.23
C GLY B 156 -7.33 11.31 9.89
N VAL B 157 -7.75 10.44 8.96
CA VAL B 157 -9.17 10.29 8.61
C VAL B 157 -10.02 9.94 9.83
N GLU B 158 -9.56 8.99 10.62
CA GLU B 158 -10.26 8.57 11.84
C GLU B 158 -10.21 9.63 12.93
N ARG B 159 -8.99 10.04 13.25
CA ARG B 159 -8.74 10.92 14.39
C ARG B 159 -9.43 12.28 14.26
N ASP B 160 -9.28 12.92 13.10
CA ASP B 160 -9.85 14.26 12.88
C ASP B 160 -11.15 14.32 12.11
N GLY B 161 -11.50 13.22 11.42
CA GLY B 161 -12.70 13.17 10.57
C GLY B 161 -13.82 12.31 11.09
N LEU B 162 -13.55 11.02 11.29
CA LEU B 162 -14.60 10.02 11.55
C LEU B 162 -14.92 9.72 13.02
N ASN B 163 -13.97 9.94 13.93
CA ASN B 163 -14.17 9.60 15.35
C ASN B 163 -14.59 10.81 16.17
N ASP B 164 -15.48 10.56 17.13
CA ASP B 164 -15.92 11.57 18.08
C ASP B 164 -14.74 11.93 18.99
N ALA B 165 -14.58 13.22 19.25
CA ALA B 165 -13.45 13.72 20.06
C ALA B 165 -13.53 13.36 21.56
N TYR B 166 -14.73 13.08 22.04
CA TYR B 166 -15.02 12.94 23.48
C TYR B 166 -14.95 11.48 23.96
N ASP B 167 -15.52 10.56 23.19
CA ASP B 167 -15.45 9.11 23.48
C ASP B 167 -14.57 8.29 22.54
N GLY B 168 -14.12 8.86 21.42
CA GLY B 168 -13.24 8.16 20.46
C GLY B 168 -13.92 7.15 19.55
N LEU B 169 -15.25 7.07 19.62
CA LEU B 169 -16.01 6.10 18.84
C LEU B 169 -16.33 6.68 17.47
N ALA B 170 -16.44 5.81 16.48
CA ALA B 170 -16.77 6.22 15.11
C ALA B 170 -18.19 6.76 15.01
N MET B 171 -18.43 7.61 14.02
CA MET B 171 -19.77 8.15 13.73
C MET B 171 -20.81 7.03 13.57
N GLY B 172 -20.40 5.93 12.95
CA GLY B 172 -21.23 4.73 12.80
C GLY B 172 -21.74 4.10 14.09
N VAL B 173 -20.93 4.17 15.14
CA VAL B 173 -21.35 3.72 16.48
C VAL B 173 -22.48 4.60 17.02
N HIS B 174 -22.37 5.91 16.80
CA HIS B 174 -23.42 6.85 17.18
C HIS B 174 -24.66 6.75 16.29
N ALA B 175 -24.47 6.39 15.03
CA ALA B 175 -25.60 6.06 14.15
C ALA B 175 -26.40 4.84 14.65
N GLU B 176 -25.69 3.87 15.22
CA GLU B 176 -26.33 2.69 15.84
C GLU B 176 -27.14 3.03 17.08
N LYS B 177 -26.56 3.85 17.95
CA LYS B 177 -27.27 4.44 19.10
C LYS B 177 -28.57 5.12 18.66
N CYS B 178 -28.47 5.94 17.62
CA CYS B 178 -29.62 6.63 17.04
C CYS B 178 -30.70 5.67 16.51
N ALA B 179 -30.26 4.59 15.86
CA ALA B 179 -31.18 3.54 15.38
C ALA B 179 -31.95 2.88 16.52
N ARG B 180 -31.24 2.61 17.62
CA ARG B 180 -31.82 2.03 18.84
C ARG B 180 -32.80 2.98 19.53
N ASP B 181 -32.39 4.24 19.70
CA ASP B 181 -33.18 5.26 20.40
C ASP B 181 -34.49 5.66 19.70
N TRP B 182 -34.52 5.55 18.38
CA TRP B 182 -35.71 5.88 17.57
C TRP B 182 -36.31 4.63 16.87
N ASP B 183 -35.92 3.45 17.37
CA ASP B 183 -36.30 2.13 16.84
C ASP B 183 -36.42 2.06 15.31
N ILE B 184 -35.27 2.23 14.66
CA ILE B 184 -35.14 2.06 13.22
C ILE B 184 -34.34 0.78 12.99
N THR B 185 -34.91 -0.12 12.18
CA THR B 185 -34.39 -1.47 12.04
C THR B 185 -33.34 -1.54 10.92
N ARG B 186 -32.60 -2.66 10.90
CA ARG B 186 -31.66 -2.98 9.82
C ARG B 186 -32.38 -2.98 8.47
N GLU B 187 -33.56 -3.59 8.46
CA GLU B 187 -34.41 -3.72 7.28
C GLU B 187 -34.76 -2.36 6.69
N GLN B 188 -35.24 -1.46 7.56
CA GLN B 188 -35.58 -0.09 7.18
C GLN B 188 -34.39 0.66 6.57
N GLN B 189 -33.25 0.55 7.24
CA GLN B 189 -32.00 1.18 6.77
C GLN B 189 -31.54 0.65 5.42
N ASP B 190 -31.55 -0.68 5.28
CA ASP B 190 -31.22 -1.34 4.02
C ASP B 190 -32.13 -0.91 2.86
N ASN B 191 -33.43 -0.83 3.12
CA ASN B 191 -34.40 -0.40 2.11
C ASN B 191 -34.19 1.06 1.72
N PHE B 192 -33.90 1.91 2.70
CA PHE B 192 -33.54 3.30 2.44
C PHE B 192 -32.25 3.40 1.61
N ALA B 193 -31.26 2.59 1.98
CA ALA B 193 -29.98 2.54 1.25
C ALA B 193 -30.18 2.13 -0.20
N ILE B 194 -30.85 1.00 -0.41
CA ILE B 194 -31.19 0.51 -1.75
C ILE B 194 -31.89 1.59 -2.57
N GLU B 195 -32.91 2.21 -1.97
CA GLU B 195 -33.67 3.31 -2.60
C GLU B 195 -32.73 4.46 -3.05
N SER B 196 -31.77 4.80 -2.19
CA SER B 196 -30.81 5.87 -2.45
C SER B 196 -29.88 5.53 -3.61
N TYR B 197 -29.40 4.29 -3.65
CA TYR B 197 -28.63 3.76 -4.78
C TYR B 197 -29.44 3.81 -6.08
N GLN B 198 -30.64 3.23 -6.05
CA GLN B 198 -31.50 3.16 -7.24
C GLN B 198 -31.83 4.54 -7.82
N LYS B 199 -32.16 5.49 -6.94
CA LYS B 199 -32.39 6.87 -7.40
C LYS B 199 -31.14 7.47 -7.99
N SER B 200 -30.02 7.24 -7.33
CA SER B 200 -28.74 7.77 -7.78
C SER B 200 -28.37 7.23 -9.14
N GLN B 201 -28.58 5.94 -9.34
CA GLN B 201 -28.32 5.34 -10.64
C GLN B 201 -29.24 5.89 -11.73
N LYS B 202 -30.52 6.06 -11.40
CA LYS B 202 -31.47 6.59 -12.37
C LYS B 202 -31.13 8.01 -12.79
N SER B 203 -30.75 8.84 -11.81
CA SER B 203 -30.38 10.22 -12.04
C SER B 203 -29.16 10.34 -12.93
N GLN B 204 -28.20 9.45 -12.70
CA GLN B 204 -26.99 9.37 -13.50
C GLN B 204 -27.33 9.01 -14.93
N LYS B 205 -28.19 8.01 -15.07
CA LYS B 205 -28.65 7.55 -16.38
C LYS B 205 -29.30 8.67 -17.18
N GLU B 206 -30.14 9.45 -16.51
CA GLU B 206 -30.87 10.53 -17.17
C GLU B 206 -30.13 11.85 -17.27
N GLY B 207 -28.88 11.90 -16.82
CA GLY B 207 -28.07 13.11 -16.92
C GLY B 207 -28.44 14.25 -15.98
N LYS B 208 -29.08 13.91 -14.86
CA LYS B 208 -29.52 14.92 -13.88
C LYS B 208 -28.35 15.67 -13.21
N PHE B 209 -27.19 15.01 -13.12
CA PHE B 209 -25.95 15.62 -12.59
C PHE B 209 -25.05 16.29 -13.63
N ASP B 210 -25.48 16.34 -14.89
CA ASP B 210 -24.61 16.82 -15.98
C ASP B 210 -24.30 18.30 -15.91
N ASN B 211 -25.25 19.11 -15.47
CA ASN B 211 -25.02 20.55 -15.32
C ASN B 211 -24.04 20.86 -14.17
N GLU B 212 -24.27 20.18 -13.04
CA GLU B 212 -23.44 20.25 -11.83
C GLU B 212 -21.98 19.89 -12.00
N ILE B 213 -21.76 18.74 -12.62
CA ILE B 213 -20.47 18.11 -12.62
C ILE B 213 -19.57 18.66 -13.69
N VAL B 214 -18.33 18.95 -13.28
CA VAL B 214 -17.25 19.27 -14.20
C VAL B 214 -16.20 18.16 -14.04
N PRO B 215 -15.68 17.64 -15.15
CA PRO B 215 -14.80 16.47 -15.07
C PRO B 215 -13.40 16.79 -14.56
N VAL B 216 -12.76 15.76 -14.02
CA VAL B 216 -11.39 15.85 -13.54
C VAL B 216 -10.48 15.10 -14.51
N THR B 217 -9.48 15.80 -15.03
CA THR B 217 -8.45 15.19 -15.89
C THR B 217 -7.41 14.50 -15.02
N ILE B 218 -7.17 13.22 -15.31
CA ILE B 218 -6.16 12.43 -14.64
C ILE B 218 -4.97 12.29 -15.59
N LYS B 219 -3.79 12.67 -15.12
CA LYS B 219 -2.56 12.54 -15.90
C LYS B 219 -2.22 11.06 -16.13
N GLY B 220 -2.06 10.69 -17.40
CA GLY B 220 -1.57 9.37 -17.77
C GLY B 220 -0.05 9.33 -17.58
N PHE B 221 0.41 8.37 -16.77
CA PHE B 221 1.84 8.25 -16.42
C PHE B 221 2.65 7.32 -17.35
N ARG B 222 3.77 7.84 -17.84
CA ARG B 222 4.77 7.14 -18.70
C ARG B 222 4.51 7.14 -20.22
N GLY B 223 3.52 7.90 -20.68
CA GLY B 223 3.20 8.00 -22.12
C GLY B 223 1.80 7.57 -22.51
N LYS B 224 1.08 6.94 -21.58
CA LYS B 224 -0.35 6.62 -21.76
C LYS B 224 -1.12 7.94 -21.82
N PRO B 225 -2.25 7.96 -22.55
CA PRO B 225 -2.98 9.21 -22.69
C PRO B 225 -3.68 9.62 -21.40
N ASP B 226 -3.96 10.91 -21.27
CA ASP B 226 -4.74 11.42 -20.15
C ASP B 226 -6.14 10.82 -20.20
N THR B 227 -6.69 10.58 -19.01
CA THR B 227 -8.03 10.02 -18.84
C THR B 227 -8.89 11.04 -18.09
N GLN B 228 -10.19 10.80 -18.10
CA GLN B 228 -11.18 11.74 -17.56
C GLN B 228 -12.11 11.05 -16.59
N VAL B 229 -12.22 11.61 -15.38
CA VAL B 229 -13.24 11.18 -14.43
C VAL B 229 -14.42 12.15 -14.60
N THR B 230 -15.56 11.59 -15.03
CA THR B 230 -16.75 12.35 -15.40
C THR B 230 -17.99 12.08 -14.56
N LYS B 231 -18.00 10.99 -13.78
CA LYS B 231 -19.15 10.67 -12.96
C LYS B 231 -18.78 10.11 -11.58
N ASP B 232 -19.77 10.15 -10.70
CA ASP B 232 -19.65 9.69 -9.33
C ASP B 232 -19.43 8.18 -9.33
N GLU B 233 -18.47 7.74 -8.54
CA GLU B 233 -17.96 6.37 -8.60
C GLU B 233 -18.79 5.35 -7.82
N GLU B 234 -19.35 5.77 -6.69
CA GLU B 234 -20.02 4.85 -5.76
C GLU B 234 -21.34 4.22 -6.24
N PRO B 235 -22.21 4.98 -6.94
CA PRO B 235 -23.54 4.44 -7.31
C PRO B 235 -23.56 3.11 -8.08
N ALA B 236 -22.59 2.88 -8.96
CA ALA B 236 -22.50 1.65 -9.75
C ALA B 236 -22.23 0.36 -8.95
N ARG B 237 -21.81 0.50 -7.69
CA ARG B 237 -21.43 -0.65 -6.85
C ARG B 237 -22.57 -1.39 -6.16
N LEU B 238 -23.81 -0.92 -6.30
CA LEU B 238 -24.95 -1.56 -5.65
C LEU B 238 -25.08 -3.02 -6.07
N HIS B 239 -25.08 -3.90 -5.08
CA HIS B 239 -25.47 -5.29 -5.23
C HIS B 239 -26.45 -5.57 -4.09
N VAL B 240 -27.73 -5.65 -4.44
CA VAL B 240 -28.83 -5.71 -3.47
C VAL B 240 -28.77 -6.89 -2.49
N GLU B 241 -28.39 -8.07 -3.00
CA GLU B 241 -28.36 -9.30 -2.17
C GLU B 241 -27.26 -9.25 -1.11
N LYS B 242 -26.05 -8.94 -1.56
CA LYS B 242 -24.89 -8.64 -0.71
C LYS B 242 -25.15 -7.50 0.29
N LEU B 243 -25.90 -6.48 -0.13
CA LEU B 243 -26.30 -5.38 0.75
C LEU B 243 -27.14 -5.88 1.92
N ARG B 244 -28.13 -6.73 1.62
CA ARG B 244 -29.04 -7.28 2.63
C ARG B 244 -28.38 -8.26 3.61
N SER B 245 -27.35 -8.97 3.17
CA SER B 245 -26.61 -9.93 4.01
C SER B 245 -25.22 -9.42 4.44
N ALA B 246 -24.97 -8.12 4.29
CA ALA B 246 -23.70 -7.50 4.69
C ALA B 246 -23.55 -7.53 6.22
N ARG B 247 -22.32 -7.70 6.68
CA ARG B 247 -22.04 -7.75 8.12
C ARG B 247 -22.18 -6.38 8.78
N THR B 248 -22.59 -6.39 10.03
CA THR B 248 -22.71 -5.19 10.83
C THR B 248 -21.31 -4.82 11.34
N VAL B 249 -20.82 -3.66 10.90
CA VAL B 249 -19.40 -3.28 11.07
C VAL B 249 -19.10 -2.56 12.38
N PHE B 250 -20.03 -1.70 12.81
CA PHE B 250 -19.89 -0.92 14.05
C PHE B 250 -20.31 -1.65 15.32
N GLN B 251 -21.28 -2.56 15.21
CA GLN B 251 -21.75 -3.34 16.35
C GLN B 251 -21.87 -4.79 15.92
N LYS B 252 -21.14 -5.68 16.58
CA LYS B 252 -21.17 -7.09 16.20
C LYS B 252 -22.54 -7.73 16.40
N GLU B 253 -23.11 -7.56 17.58
CA GLU B 253 -24.34 -8.27 17.93
C GLU B 253 -25.52 -7.32 17.89
N ASN B 254 -26.55 -7.74 17.16
CA ASN B 254 -27.81 -7.00 17.00
C ASN B 254 -27.63 -5.63 16.35
N GLY B 255 -26.69 -5.57 15.41
CA GLY B 255 -26.38 -4.37 14.66
C GLY B 255 -27.35 -4.11 13.52
N THR B 256 -27.41 -2.85 13.13
CA THR B 256 -28.27 -2.36 12.04
C THR B 256 -27.46 -1.68 10.92
N VAL B 257 -26.43 -0.92 11.30
CA VAL B 257 -25.56 -0.18 10.37
C VAL B 257 -24.46 -1.09 9.82
N THR B 258 -24.22 -0.95 8.52
CA THR B 258 -23.22 -1.72 7.77
C THR B 258 -22.45 -0.77 6.86
N ALA B 259 -21.45 -1.29 6.14
CA ALA B 259 -20.70 -0.51 5.17
C ALA B 259 -21.58 -0.01 4.00
N ALA B 260 -22.57 -0.82 3.61
CA ALA B 260 -23.43 -0.54 2.46
C ALA B 260 -24.60 0.43 2.73
N ASN B 261 -25.12 0.46 3.96
CA ASN B 261 -26.17 1.45 4.35
C ASN B 261 -25.63 2.69 5.09
N ALA B 262 -24.30 2.81 5.16
CA ALA B 262 -23.62 4.02 5.63
C ALA B 262 -22.94 4.73 4.47
N SER B 263 -22.60 6.00 4.66
CA SER B 263 -21.81 6.73 3.67
C SER B 263 -20.39 6.16 3.68
N PRO B 264 -19.78 6.02 2.48
CA PRO B 264 -18.37 5.65 2.42
C PRO B 264 -17.44 6.85 2.68
N ILE B 265 -16.14 6.56 2.57
CA ILE B 265 -15.07 7.55 2.62
C ILE B 265 -14.83 7.98 1.18
N ASN B 266 -14.72 9.29 0.94
CA ASN B 266 -14.66 9.81 -0.43
C ASN B 266 -13.84 11.08 -0.62
N ASP B 267 -13.52 11.34 -1.90
CA ASP B 267 -12.80 12.53 -2.33
C ASP B 267 -13.70 13.36 -3.23
N GLY B 268 -13.59 14.68 -3.12
CA GLY B 268 -14.30 15.59 -4.03
C GLY B 268 -14.27 17.03 -3.59
N ALA B 269 -14.91 17.87 -4.40
CA ALA B 269 -15.00 19.30 -4.15
C ALA B 269 -16.24 19.91 -4.80
N ALA B 270 -16.65 21.04 -4.24
CA ALA B 270 -17.80 21.81 -4.74
C ALA B 270 -17.56 23.29 -4.51
N ALA B 271 -18.16 24.10 -5.37
CA ALA B 271 -17.99 25.55 -5.32
C ALA B 271 -19.29 26.23 -5.73
N VAL B 272 -19.60 27.35 -5.06
CA VAL B 272 -20.74 28.20 -5.40
C VAL B 272 -20.26 29.65 -5.39
N ILE B 273 -20.81 30.47 -6.29
CA ILE B 273 -20.45 31.88 -6.38
C ILE B 273 -21.64 32.71 -5.89
N LEU B 274 -21.38 33.57 -4.91
CA LEU B 274 -22.39 34.42 -4.29
C LEU B 274 -22.12 35.87 -4.65
N VAL B 275 -23.18 36.63 -4.93
CA VAL B 275 -23.06 38.06 -5.24
C VAL B 275 -24.15 38.88 -4.54
N SER B 276 -23.85 40.16 -4.33
CA SER B 276 -24.83 41.13 -3.85
C SER B 276 -25.80 41.51 -4.97
N GLU B 277 -26.93 42.09 -4.57
CA GLU B 277 -27.91 42.64 -5.52
C GLU B 277 -27.27 43.71 -6.41
N LYS B 278 -26.41 44.53 -5.82
CA LYS B 278 -25.65 45.56 -6.54
C LYS B 278 -24.87 45.02 -7.73
N VAL B 279 -24.02 44.02 -7.47
CA VAL B 279 -23.20 43.37 -8.52
C VAL B 279 -24.05 42.70 -9.58
N LEU B 280 -25.17 42.10 -9.16
CA LEU B 280 -26.09 41.42 -10.05
C LEU B 280 -26.56 42.34 -11.19
N LYS B 281 -26.85 43.60 -10.84
CA LYS B 281 -27.32 44.60 -11.80
C LYS B 281 -26.18 45.25 -12.60
N GLU B 282 -25.06 45.54 -11.96
CA GLU B 282 -23.92 46.20 -12.62
C GLU B 282 -23.25 45.33 -13.70
N LYS B 283 -23.07 44.05 -13.38
CA LYS B 283 -22.46 43.07 -14.31
C LYS B 283 -23.49 42.36 -15.21
N ASN B 284 -24.77 42.58 -14.95
CA ASN B 284 -25.89 42.04 -15.75
C ASN B 284 -25.92 40.51 -15.72
N LEU B 285 -25.83 39.98 -14.50
CA LEU B 285 -25.81 38.54 -14.26
C LEU B 285 -27.20 38.05 -14.02
N LYS B 286 -27.47 36.83 -14.48
CA LYS B 286 -28.74 36.22 -14.21
C LYS B 286 -28.51 35.40 -12.94
N PRO B 287 -29.32 35.66 -11.91
CA PRO B 287 -29.29 34.92 -10.68
C PRO B 287 -30.01 33.60 -10.80
N LEU B 288 -29.41 32.56 -10.24
CA LEU B 288 -29.98 31.22 -10.24
C LEU B 288 -30.90 31.01 -9.04
N ALA B 289 -30.52 31.59 -7.91
CA ALA B 289 -31.28 31.44 -6.66
C ALA B 289 -30.96 32.57 -5.70
N ILE B 290 -31.80 32.68 -4.68
CA ILE B 290 -31.62 33.65 -3.59
C ILE B 290 -31.45 32.84 -2.32
N ILE B 291 -30.50 33.25 -1.48
CA ILE B 291 -30.34 32.69 -0.15
C ILE B 291 -31.41 33.34 0.71
N LYS B 292 -32.47 32.60 0.99
CA LYS B 292 -33.59 33.11 1.79
C LYS B 292 -33.26 33.12 3.27
N GLY B 293 -32.58 32.07 3.73
CA GLY B 293 -32.11 32.01 5.10
C GLY B 293 -31.28 30.78 5.42
N TRP B 294 -30.94 30.67 6.69
CA TRP B 294 -30.12 29.60 7.24
C TRP B 294 -30.33 29.48 8.73
N GLY B 295 -29.95 28.32 9.24
CA GLY B 295 -30.09 27.99 10.64
C GLY B 295 -29.07 26.96 11.04
N GLU B 296 -28.50 27.15 12.23
CA GLU B 296 -27.52 26.23 12.78
C GLU B 296 -27.90 25.90 14.21
N ALA B 297 -27.68 24.65 14.58
CA ALA B 297 -27.99 24.20 15.92
C ALA B 297 -27.11 23.02 16.29
N ALA B 298 -27.06 22.76 17.58
CA ALA B 298 -26.28 21.65 18.09
C ALA B 298 -26.83 21.19 19.42
N HIS B 299 -26.48 19.96 19.78
CA HIS B 299 -26.80 19.40 21.09
C HIS B 299 -25.75 18.33 21.44
N GLN B 300 -26.16 17.23 22.08
CA GLN B 300 -25.21 16.21 22.52
C GLN B 300 -24.46 15.65 21.31
N PRO B 301 -23.12 15.50 21.43
CA PRO B 301 -22.28 14.94 20.37
C PRO B 301 -22.77 13.62 19.81
N ALA B 302 -23.16 12.70 20.69
CA ALA B 302 -23.68 11.39 20.29
C ALA B 302 -24.98 11.46 19.49
N ASP B 303 -25.74 12.55 19.66
CA ASP B 303 -27.02 12.75 18.96
C ASP B 303 -26.92 13.60 17.67
N PHE B 304 -25.74 13.69 17.07
CA PHE B 304 -25.55 14.51 15.85
C PHE B 304 -26.49 14.13 14.69
N THR B 305 -26.82 12.85 14.58
CA THR B 305 -27.67 12.31 13.50
C THR B 305 -29.02 13.01 13.33
N TRP B 306 -29.63 13.45 14.43
CA TRP B 306 -30.93 14.16 14.38
C TRP B 306 -30.86 15.65 14.75
N ALA B 307 -29.64 16.20 14.80
CA ALA B 307 -29.43 17.64 14.91
C ALA B 307 -30.01 18.46 13.75
N PRO B 308 -30.09 17.89 12.53
CA PRO B 308 -30.77 18.62 11.44
C PRO B 308 -32.24 18.96 11.72
N SER B 309 -32.94 18.12 12.49
CA SER B 309 -34.32 18.39 12.89
C SER B 309 -34.48 19.64 13.79
N LEU B 310 -33.39 20.04 14.45
CA LEU B 310 -33.32 21.30 15.19
C LEU B 310 -32.90 22.49 14.32
N ALA B 311 -31.97 22.24 13.39
CA ALA B 311 -31.44 23.28 12.50
C ALA B 311 -32.45 23.76 11.46
N VAL B 312 -33.20 22.83 10.87
CA VAL B 312 -34.16 23.14 9.80
C VAL B 312 -35.22 24.17 10.25
N PRO B 313 -35.93 23.93 11.38
CA PRO B 313 -36.90 24.91 11.89
C PRO B 313 -36.35 26.32 12.06
N LYS B 314 -35.11 26.43 12.54
CA LYS B 314 -34.45 27.73 12.71
C LYS B 314 -34.22 28.44 11.39
N ALA B 315 -33.81 27.68 10.37
CA ALA B 315 -33.61 28.22 9.03
C ALA B 315 -34.89 28.71 8.38
N LEU B 316 -35.96 27.92 8.52
CA LEU B 316 -37.29 28.29 8.01
C LEU B 316 -37.82 29.56 8.67
N LYS B 317 -37.67 29.65 9.99
CA LYS B 317 -37.99 30.87 10.74
C LYS B 317 -37.19 32.08 10.25
N HIS B 318 -35.89 31.88 10.03
CA HIS B 318 -34.99 32.93 9.55
C HIS B 318 -35.35 33.40 8.14
N ALA B 319 -35.82 32.46 7.31
CA ALA B 319 -36.24 32.76 5.93
C ALA B 319 -37.64 33.38 5.81
N GLY B 320 -38.44 33.28 6.87
CA GLY B 320 -39.83 33.77 6.87
C GLY B 320 -40.82 32.77 6.31
N ILE B 321 -40.46 31.49 6.35
CA ILE B 321 -41.35 30.38 5.97
C ILE B 321 -41.93 29.84 7.28
N GLU B 322 -43.23 30.02 7.46
CA GLU B 322 -43.89 29.60 8.72
C GLU B 322 -44.60 28.23 8.63
N ASP B 323 -44.89 27.77 7.41
CA ASP B 323 -45.39 26.40 7.17
C ASP B 323 -44.31 25.62 6.41
N ILE B 324 -43.92 24.48 6.97
CA ILE B 324 -42.89 23.61 6.39
C ILE B 324 -43.31 22.98 5.05
N ASN B 325 -44.61 22.79 4.84
CA ASN B 325 -45.14 22.23 3.60
C ASN B 325 -45.00 23.11 2.35
N SER B 326 -44.74 24.41 2.54
CA SER B 326 -44.47 25.32 1.41
C SER B 326 -43.12 25.07 0.71
N VAL B 327 -42.20 24.34 1.35
CA VAL B 327 -40.93 23.98 0.71
C VAL B 327 -41.14 22.78 -0.23
N ASP B 328 -40.57 22.89 -1.43
CA ASP B 328 -40.80 21.91 -2.50
C ASP B 328 -39.88 20.68 -2.42
N TYR B 329 -38.60 20.90 -2.09
CA TYR B 329 -37.61 19.79 -2.01
C TYR B 329 -36.63 19.94 -0.84
N PHE B 330 -36.26 18.79 -0.26
CA PHE B 330 -35.31 18.71 0.85
C PHE B 330 -34.07 17.95 0.43
N GLU B 331 -32.90 18.49 0.78
CA GLU B 331 -31.63 17.78 0.62
C GLU B 331 -30.94 17.61 1.97
N PHE B 332 -31.12 16.43 2.57
CA PHE B 332 -30.41 16.04 3.78
C PHE B 332 -29.20 15.23 3.35
N ASN B 333 -28.02 15.56 3.88
CA ASN B 333 -26.84 14.74 3.63
C ASN B 333 -27.03 13.40 4.34
N GLU B 334 -26.92 12.32 3.58
CA GLU B 334 -27.11 10.97 4.11
C GLU B 334 -25.79 10.36 4.57
N ALA B 335 -25.22 10.90 5.64
CA ALA B 335 -24.03 10.28 6.24
C ALA B 335 -24.28 8.81 6.58
N PHE B 336 -25.50 8.52 7.02
CA PHE B 336 -25.97 7.15 7.26
C PHE B 336 -27.43 7.07 6.83
N SER B 337 -27.90 5.86 6.56
CA SER B 337 -29.33 5.63 6.24
C SER B 337 -30.25 6.10 7.37
N VAL B 338 -29.79 5.93 8.61
CA VAL B 338 -30.53 6.40 9.81
C VAL B 338 -30.76 7.91 9.83
N VAL B 339 -29.79 8.67 9.33
CA VAL B 339 -29.88 10.14 9.29
C VAL B 339 -31.04 10.60 8.41
N GLY B 340 -31.18 9.97 7.25
CA GLY B 340 -32.29 10.27 6.34
C GLY B 340 -33.64 9.90 6.92
N LEU B 341 -33.70 8.71 7.53
CA LEU B 341 -34.95 8.19 8.11
C LEU B 341 -35.43 8.96 9.34
N VAL B 342 -34.53 9.21 10.29
CA VAL B 342 -34.88 9.89 11.54
C VAL B 342 -35.39 11.32 11.31
N ASN B 343 -34.63 12.10 10.55
CA ASN B 343 -34.95 13.52 10.34
C ASN B 343 -36.23 13.75 9.53
N THR B 344 -36.51 12.86 8.58
CA THR B 344 -37.79 12.86 7.86
C THR B 344 -38.96 12.54 8.80
N LYS B 345 -38.77 11.56 9.68
CA LYS B 345 -39.77 11.16 10.66
C LYS B 345 -40.05 12.25 11.71
N ILE B 346 -38.99 12.83 12.28
CA ILE B 346 -39.11 13.88 13.29
C ILE B 346 -39.81 15.13 12.73
N LEU B 347 -39.33 15.59 11.58
CA LEU B 347 -39.92 16.76 10.90
C LEU B 347 -41.26 16.45 10.22
N LYS B 348 -41.61 15.17 10.11
CA LYS B 348 -42.90 14.70 9.59
C LYS B 348 -43.11 15.16 8.15
N LEU B 349 -42.08 14.89 7.34
CA LEU B 349 -42.01 15.34 5.96
C LEU B 349 -42.47 14.27 5.00
N ASP B 350 -42.92 14.71 3.83
CA ASP B 350 -43.26 13.84 2.74
C ASP B 350 -41.93 13.24 2.20
N PRO B 351 -41.73 11.92 2.36
CA PRO B 351 -40.47 11.29 1.92
C PRO B 351 -40.15 11.42 0.43
N SER B 352 -41.19 11.60 -0.40
CA SER B 352 -41.02 11.82 -1.84
C SER B 352 -40.41 13.18 -2.21
N LYS B 353 -40.44 14.15 -1.29
CA LYS B 353 -39.75 15.43 -1.43
C LYS B 353 -38.26 15.42 -1.02
N VAL B 354 -37.81 14.33 -0.42
CA VAL B 354 -36.49 14.26 0.24
C VAL B 354 -35.48 13.45 -0.57
N ASN B 355 -34.38 14.09 -0.95
CA ASN B 355 -33.24 13.43 -1.62
C ASN B 355 -33.68 12.68 -2.89
N VAL B 356 -34.35 13.40 -3.77
CA VAL B 356 -34.99 12.79 -4.95
C VAL B 356 -33.99 12.26 -5.98
N TYR B 357 -32.77 12.81 -6.01
CA TYR B 357 -31.67 12.27 -6.83
C TYR B 357 -30.77 11.28 -6.10
N GLY B 358 -31.19 10.84 -4.90
CA GLY B 358 -30.37 10.03 -4.02
C GLY B 358 -29.56 10.89 -3.08
N GLY B 359 -28.66 10.25 -2.33
CA GLY B 359 -27.83 10.94 -1.35
C GLY B 359 -26.50 10.27 -1.08
N ALA B 360 -25.84 10.74 -0.03
CA ALA B 360 -24.44 10.39 0.29
C ALA B 360 -24.15 8.91 0.54
N VAL B 361 -25.15 8.15 1.01
CA VAL B 361 -25.03 6.69 1.13
C VAL B 361 -24.64 6.06 -0.21
N ALA B 362 -25.22 6.60 -1.28
CA ALA B 362 -24.99 6.13 -2.66
C ALA B 362 -23.97 6.94 -3.45
N LEU B 363 -23.89 8.25 -3.20
CA LEU B 363 -23.00 9.16 -3.96
C LEU B 363 -21.63 9.36 -3.33
N GLY B 364 -21.51 9.12 -2.03
CA GLY B 364 -20.28 9.38 -1.28
C GLY B 364 -20.34 10.60 -0.40
N HIS B 365 -19.43 10.68 0.56
CA HIS B 365 -19.40 11.74 1.56
C HIS B 365 -17.98 12.27 1.82
N PRO B 366 -17.48 13.15 0.92
CA PRO B 366 -16.21 13.84 1.18
C PRO B 366 -16.44 14.99 2.16
N LEU B 367 -16.03 14.78 3.41
CA LEU B 367 -16.43 15.62 4.56
C LEU B 367 -16.49 17.13 4.32
N GLY B 368 -15.35 17.72 3.96
CA GLY B 368 -15.23 19.16 3.75
C GLY B 368 -16.01 19.72 2.57
N CYS B 369 -16.45 18.85 1.67
CA CYS B 369 -17.17 19.20 0.44
C CYS B 369 -18.70 19.09 0.52
N SER B 370 -19.18 18.06 1.22
CA SER B 370 -20.60 17.67 1.22
C SER B 370 -21.60 18.79 1.54
N GLY B 371 -21.22 19.69 2.45
CA GLY B 371 -22.05 20.83 2.84
C GLY B 371 -22.46 21.76 1.71
N ALA B 372 -21.59 21.92 0.73
CA ALA B 372 -21.88 22.71 -0.48
C ALA B 372 -22.45 21.81 -1.57
N ARG B 373 -22.01 20.56 -1.59
CA ARG B 373 -22.50 19.56 -2.55
C ARG B 373 -24.03 19.42 -2.50
N VAL B 374 -24.58 19.35 -1.29
CA VAL B 374 -26.05 19.27 -1.11
C VAL B 374 -26.81 20.51 -1.60
N VAL B 375 -26.18 21.69 -1.48
CA VAL B 375 -26.72 22.95 -2.02
C VAL B 375 -26.65 22.95 -3.55
N VAL B 376 -25.53 22.49 -4.09
CA VAL B 376 -25.32 22.36 -5.54
C VAL B 376 -26.40 21.47 -6.15
N THR B 377 -26.58 20.29 -5.57
CA THR B 377 -27.59 19.33 -6.00
C THR B 377 -29.02 19.83 -5.79
N LEU B 378 -29.28 20.44 -4.64
CA LEU B 378 -30.59 21.03 -4.35
C LEU B 378 -31.00 22.02 -5.44
N LEU B 379 -30.09 22.93 -5.77
CA LEU B 379 -30.33 23.91 -6.83
C LEU B 379 -30.69 23.26 -8.16
N SER B 380 -29.94 22.22 -8.53
CA SER B 380 -30.23 21.45 -9.75
C SER B 380 -31.62 20.81 -9.71
N ILE B 381 -32.01 20.30 -8.55
CA ILE B 381 -33.34 19.72 -8.35
C ILE B 381 -34.44 20.77 -8.56
N LEU B 382 -34.26 21.96 -7.98
CA LEU B 382 -35.23 23.06 -8.13
C LEU B 382 -35.39 23.49 -9.59
N GLN B 383 -34.28 23.55 -10.32
CA GLN B 383 -34.28 23.90 -11.74
C GLN B 383 -34.91 22.82 -12.63
N GLN B 384 -34.55 21.56 -12.38
CA GLN B 384 -34.91 20.43 -13.26
C GLN B 384 -36.23 19.73 -12.91
N GLU B 385 -36.64 19.78 -11.65
CA GLU B 385 -37.88 19.14 -11.18
C GLU B 385 -39.01 20.13 -10.92
N GLY B 386 -38.81 21.39 -11.28
CA GLY B 386 -39.84 22.43 -11.15
C GLY B 386 -40.20 22.79 -9.72
N GLY B 387 -39.17 22.99 -8.90
CA GLY B 387 -39.33 23.44 -7.52
C GLY B 387 -38.92 24.89 -7.41
N LYS B 388 -39.47 25.60 -6.43
CA LYS B 388 -39.08 27.00 -6.17
C LYS B 388 -38.31 27.16 -4.86
N ILE B 389 -38.89 26.64 -3.78
CA ILE B 389 -38.28 26.68 -2.45
C ILE B 389 -37.59 25.36 -2.16
N GLY B 390 -36.35 25.43 -1.66
CA GLY B 390 -35.59 24.25 -1.28
C GLY B 390 -34.82 24.50 0.00
N VAL B 391 -34.71 23.47 0.84
CA VAL B 391 -33.82 23.53 2.01
C VAL B 391 -32.80 22.39 1.96
N ALA B 392 -31.55 22.75 2.23
CA ALA B 392 -30.46 21.78 2.39
C ALA B 392 -30.12 21.72 3.87
N ALA B 393 -29.81 20.51 4.35
CA ALA B 393 -29.40 20.31 5.74
C ALA B 393 -28.29 19.28 5.81
N ILE B 394 -27.38 19.46 6.77
CA ILE B 394 -26.25 18.54 6.96
C ILE B 394 -25.89 18.46 8.45
N CYS B 395 -25.85 17.25 8.99
CA CYS B 395 -25.37 17.04 10.36
C CYS B 395 -23.84 16.98 10.35
N ASN B 396 -23.23 17.23 11.51
CA ASN B 396 -21.77 17.15 11.64
C ASN B 396 -21.33 16.55 12.97
N GLY B 397 -20.20 15.84 12.93
CA GLY B 397 -19.56 15.30 14.11
C GLY B 397 -19.29 16.38 15.15
N GLY B 398 -19.53 16.04 16.42
CA GLY B 398 -19.55 17.01 17.52
C GLY B 398 -20.93 17.37 18.04
N GLY B 399 -21.99 16.94 17.34
CA GLY B 399 -23.38 17.14 17.75
C GLY B 399 -24.17 18.23 17.04
N GLY B 400 -23.59 18.80 15.98
CA GLY B 400 -24.19 19.95 15.29
C GLY B 400 -24.87 19.64 13.98
N ALA B 401 -25.57 20.64 13.45
CA ALA B 401 -26.12 20.62 12.10
C ALA B 401 -26.25 22.02 11.56
N SER B 402 -26.10 22.14 10.25
CA SER B 402 -26.32 23.41 9.55
C SER B 402 -27.41 23.20 8.51
N SER B 403 -28.12 24.28 8.19
CA SER B 403 -29.21 24.24 7.21
C SER B 403 -29.31 25.57 6.49
N ILE B 404 -29.69 25.51 5.21
CA ILE B 404 -29.85 26.70 4.38
C ILE B 404 -31.13 26.58 3.53
N VAL B 405 -31.84 27.69 3.37
CA VAL B 405 -33.05 27.77 2.56
C VAL B 405 -32.73 28.62 1.34
N ILE B 406 -33.01 28.08 0.16
CA ILE B 406 -32.81 28.81 -1.09
C ILE B 406 -34.13 28.86 -1.87
N GLU B 407 -34.26 29.89 -2.71
CA GLU B 407 -35.42 30.04 -3.59
C GLU B 407 -34.91 30.27 -5.00
N LYS B 408 -35.37 29.45 -5.94
CA LYS B 408 -34.99 29.58 -7.35
C LYS B 408 -35.57 30.87 -7.93
N ILE B 409 -34.80 31.50 -8.82
CA ILE B 409 -35.22 32.73 -9.50
C ILE B 409 -35.70 32.39 -10.92
#